data_3B9X
#
_entry.id   3B9X
#
_cell.length_a   45.112
_cell.length_b   82.406
_cell.length_c   90.163
_cell.angle_alpha   67.90
_cell.angle_beta   79.59
_cell.angle_gamma   89.65
#
_symmetry.space_group_name_H-M   'P 1'
#
loop_
_entity.id
_entity.type
_entity.pdbx_description
1 polymer 'Pyrimidine-specific ribonucleoside hydrolase rihB'
2 non-polymer 'CALCIUM ION'
3 non-polymer INOSINE
4 non-polymer TRIS(HYDROXYETHYL)AMINOMETHANE
5 water water
#
_entity_poly.entity_id   1
_entity_poly.type   'polypeptide(L)'
_entity_poly.pdbx_seq_one_letter_code
;MGSSHHHHHHSSGLVPRGSHMEKRKIILDCDPGHDDAIAIMMAAKHPAIDLLGITIVAGNQTLDKTLINGLNVCQKLEIN
VPVYAGMPQPIMRQQIVADNIHGDTGLDGPVFEPLTRQAESTHAVKYIIDTLMASDGDITLVPVGPLSNIAVAMRMQPAI
LPKIREIVLMGGAYGTGNFTPSAEFNIFADPEAARVVFTSGVPLVMMGLDLTNQTVCTPDVIARMERAGGPAGELFSDIM
NFTLKTQFENYGLAGGPVHDATCIGYLINPDGIKTQEMYVEVDVNSGPCYGRTVCDELGVLGKPANTKVGITIDTDWFWG
LVEECVRGYIKTH
;
_entity_poly.pdbx_strand_id   A,B,C,D
#
loop_
_chem_comp.id
_chem_comp.type
_chem_comp.name
_chem_comp.formula
CA non-polymer 'CALCIUM ION' 'Ca 2'
NOS non-polymer INOSINE 'C10 H12 N4 O5'
TAM non-polymer TRIS(HYDROXYETHYL)AMINOMETHANE 'C7 H17 N O3'
#
# COMPACT_ATOMS: atom_id res chain seq x y z
N LYS A 23 25.22 -36.65 10.21
CA LYS A 23 23.93 -36.74 9.46
C LYS A 23 22.98 -35.64 9.88
N ARG A 24 22.57 -34.79 8.93
CA ARG A 24 21.56 -33.75 9.21
C ARG A 24 20.16 -34.29 8.91
N LYS A 25 19.31 -34.38 9.95
CA LYS A 25 17.89 -34.72 9.75
C LYS A 25 17.18 -33.57 9.05
N ILE A 26 16.43 -33.87 7.99
CA ILE A 26 15.67 -32.84 7.25
C ILE A 26 14.25 -33.28 6.93
N ILE A 27 13.34 -32.28 6.89
CA ILE A 27 12.04 -32.42 6.25
C ILE A 27 12.11 -31.56 4.98
N LEU A 28 11.92 -32.20 3.81
CA LEU A 28 11.97 -31.51 2.52
C LEU A 28 10.57 -31.15 2.09
N ASP A 29 10.31 -29.84 2.01
CA ASP A 29 8.99 -29.29 1.62
C ASP A 29 9.10 -28.73 0.18
N CYS A 30 8.31 -29.26 -0.74
CA CYS A 30 8.57 -28.96 -2.16
C CYS A 30 7.31 -29.03 -3.01
N ASP A 31 7.43 -28.61 -4.28
CA ASP A 31 6.29 -28.49 -5.19
C ASP A 31 6.68 -29.01 -6.59
N PRO A 32 7.02 -30.32 -6.67
CA PRO A 32 7.77 -30.79 -7.82
C PRO A 32 6.93 -30.76 -9.14
N GLY A 33 7.49 -30.22 -10.22
CA GLY A 33 8.73 -29.42 -10.15
C GLY A 33 10.02 -30.14 -10.52
N HIS A 34 10.67 -29.63 -11.57
CA HIS A 34 11.85 -30.28 -12.17
C HIS A 34 13.07 -30.31 -11.25
N ASP A 35 13.49 -29.14 -10.79
CA ASP A 35 14.59 -29.05 -9.82
C ASP A 35 14.23 -29.57 -8.43
N ASP A 36 12.96 -29.50 -8.03
CA ASP A 36 12.54 -30.23 -6.83
C ASP A 36 12.86 -31.71 -6.93
N ALA A 37 12.65 -32.30 -8.11
CA ALA A 37 12.86 -33.75 -8.25
C ALA A 37 14.33 -34.08 -8.09
N ILE A 38 15.22 -33.22 -8.63
CA ILE A 38 16.66 -33.36 -8.43
C ILE A 38 17.05 -33.26 -6.95
N ALA A 39 16.43 -32.32 -6.24
CA ALA A 39 16.65 -32.15 -4.80
C ALA A 39 16.19 -33.42 -4.01
N ILE A 40 15.05 -34.01 -4.41
CA ILE A 40 14.54 -35.23 -3.77
C ILE A 40 15.57 -36.37 -4.01
N MET A 41 16.07 -36.45 -5.25
CA MET A 41 17.03 -37.47 -5.61
C MET A 41 18.29 -37.36 -4.76
N MET A 42 18.82 -36.15 -4.62
CA MET A 42 20.05 -35.93 -3.82
C MET A 42 19.87 -36.19 -2.33
N ALA A 43 18.81 -35.63 -1.73
CA ALA A 43 18.54 -35.72 -0.29
C ALA A 43 18.29 -37.14 0.20
N ALA A 44 17.57 -37.91 -0.61
CA ALA A 44 17.28 -39.29 -0.29
C ALA A 44 18.54 -40.19 -0.28
N LYS A 45 19.58 -39.81 -1.02
CA LYS A 45 20.70 -40.73 -1.31
C LYS A 45 21.98 -40.46 -0.54
N HIS A 46 22.28 -39.19 -0.28
CA HIS A 46 23.53 -38.82 0.36
C HIS A 46 23.59 -39.20 1.85
N PRO A 47 24.67 -39.88 2.27
CA PRO A 47 24.82 -40.35 3.66
C PRO A 47 24.86 -39.23 4.71
N ALA A 48 25.16 -37.98 4.30
CA ALA A 48 25.19 -36.83 5.21
C ALA A 48 23.79 -36.23 5.49
N ILE A 49 22.77 -36.75 4.79
CA ILE A 49 21.37 -36.31 4.94
C ILE A 49 20.48 -37.45 5.46
N ASP A 50 19.71 -37.20 6.52
CA ASP A 50 18.69 -38.13 7.00
C ASP A 50 17.32 -37.54 6.61
N LEU A 51 16.77 -38.01 5.49
CA LEU A 51 15.52 -37.49 4.97
C LEU A 51 14.34 -38.17 5.66
N LEU A 52 13.70 -37.45 6.59
CA LEU A 52 12.65 -37.95 7.48
C LEU A 52 11.34 -38.09 6.72
N GLY A 53 11.07 -37.10 5.86
CA GLY A 53 9.79 -37.06 5.15
C GLY A 53 9.74 -35.97 4.11
N ILE A 54 8.86 -36.11 3.13
CA ILE A 54 8.64 -35.10 2.09
C ILE A 54 7.22 -34.54 2.23
N THR A 55 7.13 -33.22 2.41
CA THR A 55 5.83 -32.54 2.41
C THR A 55 5.65 -31.77 1.10
N ILE A 56 4.45 -31.76 0.57
CA ILE A 56 4.17 -31.19 -0.72
C ILE A 56 3.30 -29.96 -0.56
N VAL A 57 3.57 -28.93 -1.37
CA VAL A 57 2.83 -27.67 -1.40
C VAL A 57 2.42 -27.32 -2.83
N ALA A 58 1.27 -26.70 -3.04
CA ALA A 58 1.00 -26.19 -4.38
C ALA A 58 2.02 -25.09 -4.71
N GLY A 59 2.35 -24.94 -5.99
CA GLY A 59 3.26 -23.91 -6.44
C GLY A 59 3.46 -23.92 -7.96
N ASN A 60 4.50 -24.64 -8.39
CA ASN A 60 4.81 -24.89 -9.78
C ASN A 60 3.56 -25.28 -10.58
N GLN A 61 2.75 -26.15 -9.95
CA GLN A 61 1.43 -26.55 -10.40
C GLN A 61 0.52 -26.65 -9.18
N THR A 62 -0.78 -26.89 -9.40
CA THR A 62 -1.75 -27.21 -8.35
C THR A 62 -1.35 -28.44 -7.56
N LEU A 63 -1.79 -28.50 -6.30
CA LEU A 63 -1.41 -29.61 -5.40
C LEU A 63 -1.76 -31.02 -5.93
N ASP A 64 -2.92 -31.21 -6.55
CA ASP A 64 -3.23 -32.51 -7.16
C ASP A 64 -2.05 -33.02 -8.05
N LYS A 65 -1.46 -32.09 -8.80
CA LYS A 65 -0.38 -32.38 -9.76
C LYS A 65 1.00 -32.50 -9.12
N THR A 66 1.36 -31.56 -8.23
CA THR A 66 2.66 -31.62 -7.54
C THR A 66 2.81 -32.84 -6.62
N LEU A 67 1.69 -33.27 -6.04
CA LEU A 67 1.65 -34.50 -5.25
C LEU A 67 1.98 -35.74 -6.11
N ILE A 68 1.30 -35.90 -7.25
CA ILE A 68 1.57 -37.01 -8.18
C ILE A 68 3.05 -37.00 -8.67
N ASN A 69 3.54 -35.82 -9.07
CA ASN A 69 4.91 -35.67 -9.52
C ASN A 69 5.89 -36.13 -8.40
N GLY A 70 5.65 -35.65 -7.18
CA GLY A 70 6.36 -36.12 -5.98
C GLY A 70 6.35 -37.63 -5.78
N LEU A 71 5.16 -38.23 -5.80
CA LEU A 71 5.01 -39.69 -5.69
C LEU A 71 5.72 -40.48 -6.82
N ASN A 72 5.55 -40.03 -8.06
CA ASN A 72 6.23 -40.59 -9.22
C ASN A 72 7.76 -40.61 -9.12
N VAL A 73 8.32 -39.54 -8.57
CA VAL A 73 9.77 -39.43 -8.44
C VAL A 73 10.28 -40.50 -7.48
N CYS A 74 9.66 -40.58 -6.29
CA CYS A 74 10.02 -41.57 -5.29
C CYS A 74 9.76 -42.99 -5.75
N GLN A 75 8.68 -43.24 -6.48
CA GLN A 75 8.39 -44.59 -6.98
C GLN A 75 9.41 -45.00 -8.01
N LYS A 76 9.63 -44.17 -9.03
CA LYS A 76 10.72 -44.38 -10.03
C LYS A 76 12.11 -44.68 -9.46
N LEU A 77 12.48 -43.95 -8.42
CA LEU A 77 13.81 -44.05 -7.86
C LEU A 77 13.84 -45.00 -6.67
N GLU A 78 12.69 -45.64 -6.42
CA GLU A 78 12.49 -46.53 -5.28
C GLU A 78 12.97 -45.93 -3.96
N ILE A 79 12.54 -44.69 -3.71
CA ILE A 79 12.78 -43.99 -2.45
C ILE A 79 11.66 -44.37 -1.47
N ASN A 80 12.04 -44.86 -0.31
CA ASN A 80 11.10 -45.25 0.72
C ASN A 80 11.03 -44.24 1.86
N VAL A 81 10.33 -43.15 1.56
CA VAL A 81 10.17 -42.00 2.46
C VAL A 81 8.69 -41.60 2.39
N PRO A 82 8.04 -41.41 3.56
CA PRO A 82 6.63 -40.97 3.61
C PRO A 82 6.43 -39.65 2.86
N VAL A 83 5.44 -39.57 1.97
CA VAL A 83 5.03 -38.32 1.32
C VAL A 83 3.68 -37.77 1.87
N TYR A 84 3.64 -36.49 2.20
CA TYR A 84 2.46 -35.88 2.82
C TYR A 84 2.01 -34.72 1.98
N ALA A 85 0.70 -34.64 1.72
CA ALA A 85 0.10 -33.51 0.99
C ALA A 85 -0.18 -32.35 1.96
N GLY A 86 0.17 -31.12 1.53
CA GLY A 86 -0.08 -29.94 2.35
C GLY A 86 -1.08 -28.94 1.78
N MET A 87 -0.69 -27.67 1.79
CA MET A 87 -1.57 -26.58 1.40
C MET A 87 -1.83 -26.56 -0.12
N PRO A 88 -3.09 -26.63 -0.55
CA PRO A 88 -3.35 -26.47 -2.00
C PRO A 88 -3.43 -25.02 -2.45
N GLN A 89 -3.25 -24.07 -1.51
CA GLN A 89 -3.44 -22.65 -1.81
C GLN A 89 -2.57 -21.79 -0.91
N PRO A 90 -2.21 -20.57 -1.38
CA PRO A 90 -1.45 -19.68 -0.50
C PRO A 90 -2.31 -19.20 0.65
N ILE A 91 -1.70 -18.64 1.70
CA ILE A 91 -2.47 -18.26 2.89
C ILE A 91 -3.47 -17.11 2.66
N MET A 92 -3.16 -16.22 1.71
CA MET A 92 -4.05 -15.07 1.42
C MET A 92 -4.30 -14.75 -0.04
N ARG A 93 -3.25 -14.68 -0.86
CA ARG A 93 -3.37 -14.11 -2.24
C ARG A 93 -4.10 -15.03 -3.21
N GLN A 94 -4.48 -14.50 -4.36
CA GLN A 94 -4.95 -15.32 -5.50
C GLN A 94 -3.82 -16.20 -6.07
N GLN A 95 -4.12 -17.48 -6.22
CA GLN A 95 -3.17 -18.49 -6.68
C GLN A 95 -2.59 -18.17 -8.05
N ILE A 96 -1.33 -18.49 -8.21
CA ILE A 96 -0.65 -18.45 -9.49
C ILE A 96 0.14 -19.75 -9.62
N VAL A 97 0.33 -20.23 -10.85
CA VAL A 97 1.24 -21.37 -11.13
C VAL A 97 2.38 -21.01 -12.10
N ALA A 98 3.23 -22.00 -12.38
CA ALA A 98 4.29 -21.84 -13.36
C ALA A 98 4.19 -22.97 -14.37
N ASP A 99 3.04 -23.11 -15.04
CA ASP A 99 2.96 -24.00 -16.20
C ASP A 99 3.99 -23.57 -17.30
N ASN A 100 4.26 -22.27 -17.39
CA ASN A 100 5.20 -21.75 -18.40
C ASN A 100 6.63 -22.36 -18.30
N ILE A 101 7.16 -22.48 -17.08
CA ILE A 101 8.46 -23.08 -16.84
C ILE A 101 8.42 -24.63 -16.78
N HIS A 102 7.36 -25.16 -16.16
CA HIS A 102 7.34 -26.54 -15.70
C HIS A 102 6.32 -27.40 -16.41
N GLY A 103 5.60 -26.82 -17.37
CA GLY A 103 4.67 -27.57 -18.16
C GLY A 103 3.33 -27.86 -17.54
N ASP A 104 2.48 -28.47 -18.36
CA ASP A 104 1.10 -28.80 -18.02
C ASP A 104 1.02 -29.75 -16.81
N THR A 105 1.81 -30.83 -16.83
CA THR A 105 1.86 -31.73 -15.67
C THR A 105 2.60 -31.18 -14.43
N GLY A 106 3.44 -30.16 -14.65
CA GLY A 106 4.30 -29.61 -13.58
C GLY A 106 5.66 -30.29 -13.54
N LEU A 107 5.76 -31.39 -14.28
CA LEU A 107 6.99 -32.22 -14.40
C LEU A 107 7.08 -32.95 -15.75
N ASP A 108 6.91 -32.20 -16.86
CA ASP A 108 7.00 -32.78 -18.20
C ASP A 108 8.42 -33.27 -18.44
N GLY A 109 8.57 -34.40 -19.10
CA GLY A 109 9.89 -34.95 -19.40
C GLY A 109 9.89 -36.48 -19.33
N PRO A 110 10.12 -37.01 -18.12
CA PRO A 110 10.18 -38.44 -17.84
C PRO A 110 8.84 -39.19 -17.95
N VAL A 111 8.95 -40.46 -18.28
CA VAL A 111 7.91 -41.44 -18.20
C VAL A 111 7.89 -42.04 -16.79
N PHE A 112 6.67 -42.27 -16.30
CA PHE A 112 6.41 -42.91 -15.03
C PHE A 112 5.32 -43.95 -15.22
N GLU A 113 5.51 -45.13 -14.67
CA GLU A 113 4.48 -46.16 -14.63
C GLU A 113 3.28 -45.76 -13.70
N PRO A 114 2.14 -46.49 -13.80
CA PRO A 114 1.04 -46.08 -12.88
C PRO A 114 1.44 -46.22 -11.41
N LEU A 115 0.89 -45.32 -10.59
CA LEU A 115 1.30 -45.19 -9.21
C LEU A 115 0.85 -46.39 -8.41
N THR A 116 1.77 -46.98 -7.68
CA THR A 116 1.41 -48.07 -6.79
C THR A 116 1.72 -47.63 -5.36
N ARG A 117 1.76 -46.33 -5.17
CA ARG A 117 1.93 -45.72 -3.83
C ARG A 117 1.10 -44.46 -3.71
N GLN A 118 0.96 -43.97 -2.47
CA GLN A 118 0.08 -42.86 -2.19
C GLN A 118 0.52 -41.97 -1.00
N ALA A 119 -0.07 -40.77 -0.96
CA ALA A 119 0.12 -39.82 0.12
C ALA A 119 -0.31 -40.38 1.50
N GLU A 120 0.48 -40.11 2.53
CA GLU A 120 0.08 -40.45 3.89
C GLU A 120 -1.26 -39.75 4.17
N SER A 121 -2.07 -40.25 5.11
CA SER A 121 -3.34 -39.56 5.41
C SER A 121 -3.18 -38.28 6.22
N THR A 122 -2.17 -38.25 7.09
CA THR A 122 -1.88 -37.06 7.89
C THR A 122 -1.61 -35.85 7.00
N HIS A 123 -2.19 -34.70 7.37
CA HIS A 123 -1.93 -33.45 6.61
C HIS A 123 -0.49 -32.97 6.84
N ALA A 124 0.13 -32.40 5.80
CA ALA A 124 1.54 -32.02 5.87
C ALA A 124 1.83 -31.09 7.04
N VAL A 125 0.90 -30.15 7.29
CA VAL A 125 1.05 -29.11 8.33
C VAL A 125 1.08 -29.75 9.73
N LYS A 126 0.18 -30.69 9.99
CA LYS A 126 0.16 -31.47 11.23
C LYS A 126 1.41 -32.32 11.34
N TYR A 127 1.77 -33.02 10.27
CA TYR A 127 3.06 -33.78 10.29
C TYR A 127 4.27 -32.96 10.70
N ILE A 128 4.33 -31.71 10.22
CA ILE A 128 5.49 -30.85 10.47
C ILE A 128 5.51 -30.48 11.96
N ILE A 129 4.34 -30.14 12.47
CA ILE A 129 4.13 -29.74 13.85
C ILE A 129 4.46 -30.86 14.85
N ASP A 130 3.79 -32.00 14.73
CA ASP A 130 4.01 -33.16 15.58
C ASP A 130 5.44 -33.69 15.55
N THR A 131 6.01 -33.79 14.34
CA THR A 131 7.38 -34.26 14.19
C THR A 131 8.40 -33.32 14.88
N LEU A 132 8.18 -31.99 14.76
CA LEU A 132 9.05 -31.01 15.39
C LEU A 132 8.87 -31.01 16.92
N MET A 133 7.61 -31.05 17.37
CA MET A 133 7.28 -31.10 18.78
C MET A 133 7.89 -32.32 19.50
N ALA A 134 7.75 -33.49 18.86
CA ALA A 134 8.33 -34.77 19.34
C ALA A 134 9.85 -34.85 19.31
N SER A 135 10.47 -34.01 18.49
CA SER A 135 11.91 -34.01 18.30
C SER A 135 12.72 -33.43 19.47
N ASP A 136 14.03 -33.47 19.29
CA ASP A 136 14.99 -32.93 20.23
C ASP A 136 15.54 -31.59 19.74
N GLY A 137 14.89 -31.02 18.72
CA GLY A 137 15.25 -29.71 18.17
C GLY A 137 16.38 -29.70 17.15
N ASP A 138 16.68 -30.86 16.59
N ASP A 138 16.66 -30.87 16.58
CA ASP A 138 17.81 -30.95 15.67
CA ASP A 138 17.80 -31.04 15.69
C ASP A 138 17.42 -31.14 14.21
C ASP A 138 17.42 -31.14 14.22
N ILE A 139 16.12 -31.07 13.91
CA ILE A 139 15.63 -31.21 12.53
C ILE A 139 15.69 -29.86 11.79
N THR A 140 16.24 -29.88 10.59
CA THR A 140 16.27 -28.74 9.70
C THR A 140 15.13 -28.82 8.67
N LEU A 141 14.47 -27.70 8.42
CA LEU A 141 13.43 -27.63 7.44
C LEU A 141 14.08 -27.14 6.18
N VAL A 142 13.68 -27.73 5.06
CA VAL A 142 14.23 -27.38 3.76
C VAL A 142 13.10 -27.12 2.77
N PRO A 143 12.56 -25.90 2.80
CA PRO A 143 11.53 -25.47 1.87
C PRO A 143 12.10 -24.93 0.55
N VAL A 144 11.56 -25.43 -0.56
CA VAL A 144 12.00 -25.07 -1.89
C VAL A 144 10.81 -24.87 -2.86
N GLY A 145 9.63 -24.63 -2.29
CA GLY A 145 8.46 -24.09 -3.01
C GLY A 145 7.96 -22.86 -2.25
N PRO A 146 6.74 -22.37 -2.58
CA PRO A 146 6.14 -21.37 -1.70
C PRO A 146 6.07 -21.84 -0.24
N LEU A 147 5.95 -20.88 0.68
CA LEU A 147 6.15 -21.16 2.10
C LEU A 147 4.86 -21.37 2.89
N SER A 148 3.75 -21.60 2.18
CA SER A 148 2.43 -21.87 2.77
C SER A 148 2.42 -22.91 3.92
N ASN A 149 3.06 -24.07 3.71
CA ASN A 149 3.04 -25.14 4.73
C ASN A 149 3.77 -24.68 6.01
N ILE A 150 4.85 -23.94 5.80
CA ILE A 150 5.75 -23.54 6.88
C ILE A 150 5.09 -22.42 7.71
N ALA A 151 4.45 -21.46 7.03
CA ALA A 151 3.81 -20.34 7.70
C ALA A 151 2.57 -20.80 8.47
N VAL A 152 1.84 -21.77 7.92
CA VAL A 152 0.64 -22.28 8.59
C VAL A 152 1.00 -23.06 9.86
N ALA A 153 2.03 -23.91 9.78
CA ALA A 153 2.51 -24.65 10.95
C ALA A 153 3.04 -23.69 11.99
N MET A 154 3.83 -22.69 11.58
CA MET A 154 4.44 -21.76 12.55
C MET A 154 3.39 -21.02 13.37
N ARG A 155 2.31 -20.60 12.70
CA ARG A 155 1.23 -19.82 13.33
C ARG A 155 0.23 -20.71 14.09
N MET A 156 0.08 -21.95 13.60
CA MET A 156 -0.85 -22.88 14.20
C MET A 156 -0.29 -23.42 15.52
N GLN A 157 1.04 -23.61 15.54
CA GLN A 157 1.74 -24.03 16.74
C GLN A 157 3.07 -23.27 16.88
N PRO A 158 3.00 -22.05 17.47
CA PRO A 158 4.20 -21.24 17.72
C PRO A 158 5.30 -21.93 18.49
N ALA A 159 4.96 -22.98 19.24
CA ALA A 159 5.96 -23.70 20.05
C ALA A 159 6.99 -24.53 19.27
N ILE A 160 6.74 -24.76 17.97
CA ILE A 160 7.69 -25.42 17.07
C ILE A 160 8.93 -24.56 16.82
N LEU A 161 8.79 -23.24 17.02
CA LEU A 161 9.83 -22.32 16.60
C LEU A 161 11.22 -22.58 17.18
N PRO A 162 11.34 -22.70 18.54
CA PRO A 162 12.67 -23.05 19.06
C PRO A 162 13.13 -24.47 18.69
N LYS A 163 12.18 -25.36 18.36
CA LYS A 163 12.45 -26.74 17.94
C LYS A 163 13.11 -26.84 16.54
N ILE A 164 13.01 -25.80 15.72
CA ILE A 164 13.65 -25.82 14.41
C ILE A 164 15.13 -25.42 14.50
N ARG A 165 16.01 -26.38 14.21
CA ARG A 165 17.41 -26.07 14.23
C ARG A 165 17.79 -24.94 13.25
N GLU A 166 17.23 -24.99 12.05
CA GLU A 166 17.60 -24.06 10.99
C GLU A 166 16.59 -24.25 9.87
N ILE A 167 16.36 -23.22 9.08
CA ILE A 167 15.64 -23.33 7.81
C ILE A 167 16.55 -23.00 6.65
N VAL A 168 16.73 -23.94 5.74
CA VAL A 168 17.49 -23.71 4.54
C VAL A 168 16.52 -23.68 3.36
N LEU A 169 16.26 -22.51 2.83
CA LEU A 169 15.20 -22.37 1.84
C LEU A 169 15.71 -21.96 0.43
N MET A 170 15.00 -22.40 -0.60
CA MET A 170 15.22 -21.85 -1.95
C MET A 170 14.11 -20.79 -2.21
N GLY A 171 14.51 -19.56 -2.44
CA GLY A 171 13.59 -18.43 -2.57
C GLY A 171 14.26 -17.07 -2.50
N GLY A 172 13.59 -16.04 -3.02
CA GLY A 172 14.11 -14.70 -3.04
C GLY A 172 15.25 -14.39 -4.02
N ALA A 173 15.77 -13.17 -3.94
CA ALA A 173 16.77 -12.63 -4.83
C ALA A 173 17.10 -11.27 -4.29
N TYR A 174 18.37 -11.00 -4.05
CA TYR A 174 18.72 -9.65 -3.61
C TYR A 174 18.80 -8.73 -4.81
N GLY A 175 18.99 -9.29 -6.01
CA GLY A 175 19.05 -8.53 -7.26
C GLY A 175 17.72 -8.58 -7.97
N THR A 176 17.72 -9.09 -9.18
CA THR A 176 16.54 -9.21 -10.04
C THR A 176 15.78 -10.49 -9.74
N GLY A 177 14.45 -10.43 -9.67
CA GLY A 177 13.64 -11.66 -9.48
C GLY A 177 13.49 -12.37 -10.81
N ASN A 178 12.60 -13.35 -10.88
CA ASN A 178 12.34 -14.00 -12.16
C ASN A 178 10.92 -13.78 -12.63
N PHE A 179 9.97 -14.20 -11.81
CA PHE A 179 8.56 -14.06 -12.13
C PHE A 179 8.17 -12.59 -12.36
N THR A 180 8.70 -11.69 -11.54
CA THR A 180 8.58 -10.25 -11.81
C THR A 180 10.02 -9.70 -11.68
N PRO A 181 10.29 -8.43 -12.10
CA PRO A 181 11.60 -7.82 -11.90
C PRO A 181 11.99 -7.77 -10.42
N SER A 182 10.99 -7.75 -9.56
CA SER A 182 11.24 -7.62 -8.12
C SER A 182 11.31 -8.92 -7.31
N ALA A 183 10.59 -9.96 -7.80
CA ALA A 183 10.23 -11.12 -7.01
C ALA A 183 10.61 -12.40 -7.69
N GLU A 184 11.08 -13.35 -6.87
CA GLU A 184 11.35 -14.73 -7.26
C GLU A 184 10.07 -15.50 -6.99
N PHE A 185 9.84 -16.54 -7.77
CA PHE A 185 8.54 -17.24 -7.82
C PHE A 185 8.00 -17.75 -6.48
N ASN A 186 8.82 -18.52 -5.77
CA ASN A 186 8.45 -19.03 -4.46
C ASN A 186 7.94 -18.01 -3.45
N ILE A 187 8.56 -16.84 -3.41
CA ILE A 187 8.11 -15.75 -2.55
C ILE A 187 6.89 -15.07 -3.11
N PHE A 188 6.93 -14.74 -4.41
CA PHE A 188 5.80 -14.11 -5.13
C PHE A 188 4.50 -14.90 -4.98
N ALA A 189 4.61 -16.23 -5.01
CA ALA A 189 3.43 -17.10 -4.94
C ALA A 189 2.72 -17.14 -3.57
N ASP A 190 3.43 -16.75 -2.51
CA ASP A 190 2.80 -16.53 -1.20
C ASP A 190 3.65 -15.58 -0.36
N PRO A 191 3.53 -14.26 -0.60
CA PRO A 191 4.38 -13.30 0.12
C PRO A 191 4.12 -13.23 1.62
N GLU A 192 2.86 -13.37 1.99
CA GLU A 192 2.43 -13.31 3.35
C GLU A 192 2.99 -14.49 4.11
N ALA A 193 2.92 -15.69 3.51
CA ALA A 193 3.58 -16.84 4.10
C ALA A 193 5.04 -16.53 4.33
N ALA A 194 5.66 -15.93 3.31
CA ALA A 194 7.10 -15.58 3.38
C ALA A 194 7.37 -14.62 4.53
N ARG A 195 6.50 -13.63 4.70
CA ARG A 195 6.65 -12.62 5.75
C ARG A 195 6.60 -13.26 7.14
N VAL A 196 5.80 -14.31 7.28
CA VAL A 196 5.81 -15.10 8.53
C VAL A 196 7.18 -15.79 8.80
N VAL A 197 7.69 -16.48 7.78
CA VAL A 197 8.97 -17.17 7.89
C VAL A 197 10.10 -16.20 8.23
N PHE A 198 10.13 -15.06 7.56
CA PHE A 198 11.28 -14.15 7.69
C PHE A 198 11.28 -13.33 8.99
N THR A 199 10.12 -13.26 9.64
CA THR A 199 10.00 -12.64 10.95
C THR A 199 9.92 -13.67 12.10
N SER A 200 10.17 -14.95 11.81
CA SER A 200 10.06 -16.03 12.80
C SER A 200 11.15 -16.05 13.87
N GLY A 201 12.31 -15.45 13.59
CA GLY A 201 13.46 -15.51 14.51
C GLY A 201 14.23 -16.83 14.50
N VAL A 202 13.81 -17.77 13.66
CA VAL A 202 14.53 -19.04 13.44
C VAL A 202 15.76 -18.75 12.53
N PRO A 203 16.90 -19.46 12.76
CA PRO A 203 18.04 -19.30 11.85
C PRO A 203 17.68 -19.65 10.41
N LEU A 204 17.97 -18.71 9.50
CA LEU A 204 17.60 -18.85 8.09
C LEU A 204 18.82 -18.86 7.20
N VAL A 205 18.78 -19.72 6.18
CA VAL A 205 19.72 -19.67 5.09
C VAL A 205 18.90 -19.54 3.80
N MET A 206 19.23 -18.55 2.97
CA MET A 206 18.46 -18.28 1.75
C MET A 206 19.30 -18.48 0.55
N MET A 207 18.93 -19.48 -0.21
CA MET A 207 19.53 -19.69 -1.52
C MET A 207 18.65 -18.97 -2.53
N GLY A 208 19.00 -17.72 -2.86
CA GLY A 208 18.24 -16.89 -3.81
C GLY A 208 18.70 -17.06 -5.24
N LEU A 209 18.04 -16.39 -6.18
CA LEU A 209 18.37 -16.44 -7.60
C LEU A 209 19.76 -15.96 -7.96
N ASP A 210 20.31 -15.09 -7.12
CA ASP A 210 21.67 -14.54 -7.28
C ASP A 210 22.72 -15.65 -7.25
N LEU A 211 22.51 -16.58 -6.30
CA LEU A 211 23.30 -17.79 -6.24
C LEU A 211 22.84 -18.88 -7.26
N THR A 212 21.55 -19.23 -7.25
CA THR A 212 21.05 -20.41 -8.00
C THR A 212 21.06 -20.27 -9.53
N ASN A 213 21.00 -19.04 -10.03
CA ASN A 213 21.20 -18.81 -11.48
C ASN A 213 22.61 -19.20 -11.99
N GLN A 214 23.60 -19.21 -11.09
CA GLN A 214 24.96 -19.71 -11.40
C GLN A 214 24.99 -21.22 -11.67
N THR A 215 23.96 -21.98 -11.28
CA THR A 215 23.91 -23.44 -11.49
C THR A 215 23.16 -23.88 -12.77
N VAL A 216 23.33 -23.15 -13.87
CA VAL A 216 22.73 -23.52 -15.16
C VAL A 216 23.17 -24.89 -15.68
N CYS A 217 22.20 -25.68 -16.08
CA CYS A 217 22.45 -27.04 -16.51
C CYS A 217 22.41 -27.15 -18.03
N THR A 218 23.58 -26.91 -18.62
CA THR A 218 23.81 -26.93 -20.05
C THR A 218 23.87 -28.39 -20.58
N PRO A 219 23.71 -28.59 -21.91
CA PRO A 219 23.76 -29.94 -22.52
C PRO A 219 24.93 -30.83 -22.09
N ASP A 220 26.10 -30.23 -21.88
CA ASP A 220 27.27 -30.98 -21.42
C ASP A 220 27.11 -31.57 -20.01
N VAL A 221 26.47 -30.82 -19.12
CA VAL A 221 26.18 -31.28 -17.75
C VAL A 221 25.21 -32.46 -17.79
N ILE A 222 24.21 -32.37 -18.65
CA ILE A 222 23.24 -33.44 -18.86
C ILE A 222 23.89 -34.71 -19.39
N ALA A 223 24.71 -34.56 -20.44
CA ALA A 223 25.48 -35.66 -21.03
C ALA A 223 26.38 -36.33 -20.00
N ARG A 224 26.90 -35.56 -19.03
CA ARG A 224 27.72 -36.11 -17.95
C ARG A 224 26.90 -37.08 -17.09
N MET A 225 25.68 -36.68 -16.77
CA MET A 225 24.84 -37.47 -15.89
C MET A 225 24.31 -38.71 -16.60
N GLU A 226 23.96 -38.56 -17.89
CA GLU A 226 23.69 -39.69 -18.79
C GLU A 226 24.78 -40.77 -18.80
N ARG A 227 26.04 -40.34 -18.87
CA ARG A 227 27.20 -41.22 -18.80
C ARG A 227 27.25 -42.02 -17.48
N ALA A 228 27.01 -41.34 -16.35
CA ALA A 228 26.96 -42.01 -15.06
C ALA A 228 25.83 -43.06 -15.04
N GLY A 229 24.72 -42.74 -15.72
CA GLY A 229 23.65 -43.69 -16.00
C GLY A 229 22.84 -44.14 -14.80
N GLY A 230 22.21 -45.31 -14.91
CA GLY A 230 21.31 -45.83 -13.88
C GLY A 230 20.01 -45.04 -13.83
N PRO A 231 19.10 -45.39 -12.91
CA PRO A 231 17.78 -44.73 -12.95
C PRO A 231 17.83 -43.23 -12.62
N ALA A 232 18.77 -42.76 -11.79
CA ALA A 232 18.85 -41.32 -11.44
C ALA A 232 19.48 -40.46 -12.55
N GLY A 233 20.46 -41.02 -13.26
CA GLY A 233 21.07 -40.37 -14.42
C GLY A 233 20.10 -40.24 -15.59
N GLU A 234 19.25 -41.25 -15.81
CA GLU A 234 18.24 -41.19 -16.86
C GLU A 234 17.14 -40.18 -16.54
N LEU A 235 16.68 -40.19 -15.29
CA LEU A 235 15.67 -39.26 -14.82
C LEU A 235 16.22 -37.82 -14.93
N PHE A 236 17.44 -37.60 -14.46
CA PHE A 236 18.11 -36.30 -14.61
C PHE A 236 18.06 -35.81 -16.04
N SER A 237 18.33 -36.71 -16.99
CA SER A 237 18.35 -36.34 -18.41
C SER A 237 16.98 -36.00 -18.96
N ASP A 238 15.98 -36.82 -18.63
CA ASP A 238 14.64 -36.61 -19.10
C ASP A 238 14.03 -35.29 -18.58
N ILE A 239 14.22 -35.07 -17.26
CA ILE A 239 13.87 -33.88 -16.50
C ILE A 239 14.50 -32.58 -16.98
N MET A 240 15.82 -32.49 -16.98
CA MET A 240 16.45 -31.21 -17.21
C MET A 240 16.50 -30.76 -18.67
N ASN A 241 16.20 -31.69 -19.60
CA ASN A 241 16.00 -31.37 -21.02
C ASN A 241 14.75 -30.56 -21.25
N PHE A 242 13.70 -30.79 -20.45
CA PHE A 242 12.49 -29.98 -20.59
C PHE A 242 12.75 -28.51 -20.24
N THR A 243 13.21 -28.25 -19.02
CA THR A 243 13.45 -26.88 -18.59
C THR A 243 14.65 -26.26 -19.26
N LEU A 244 15.59 -27.07 -19.77
CA LEU A 244 16.62 -26.49 -20.66
C LEU A 244 15.99 -25.47 -21.64
N LYS A 245 14.82 -25.80 -22.21
CA LYS A 245 14.30 -24.93 -23.25
C LYS A 245 13.39 -23.80 -22.73
N THR A 246 12.60 -24.11 -21.69
CA THR A 246 11.72 -23.09 -21.07
C THR A 246 12.48 -22.03 -20.29
N GLN A 247 13.53 -22.42 -19.59
CA GLN A 247 14.36 -21.44 -18.91
C GLN A 247 15.10 -20.57 -19.92
N PHE A 248 15.38 -21.12 -21.10
CA PHE A 248 15.89 -20.28 -22.20
C PHE A 248 14.82 -19.37 -22.86
N GLU A 249 13.64 -19.94 -23.18
CA GLU A 249 12.56 -19.12 -23.72
C GLU A 249 12.14 -17.94 -22.81
N ASN A 250 12.03 -18.18 -21.49
CA ASN A 250 11.50 -17.19 -20.51
C ASN A 250 12.45 -16.16 -19.90
N TYR A 251 13.69 -16.57 -19.63
CA TYR A 251 14.66 -15.70 -18.95
C TYR A 251 15.97 -15.51 -19.68
N GLY A 252 16.15 -16.22 -20.79
CA GLY A 252 17.39 -16.20 -21.55
C GLY A 252 18.54 -16.99 -20.95
N LEU A 253 18.24 -17.95 -20.07
CA LEU A 253 19.30 -18.74 -19.40
C LEU A 253 19.93 -19.82 -20.31
N ALA A 254 21.21 -20.15 -20.06
CA ALA A 254 21.94 -21.15 -20.84
C ALA A 254 21.50 -22.60 -20.63
N GLY A 255 20.96 -22.89 -19.45
CA GLY A 255 20.20 -24.12 -19.23
C GLY A 255 19.25 -23.90 -18.07
N GLY A 256 18.46 -24.90 -17.73
CA GLY A 256 17.54 -24.78 -16.63
C GLY A 256 18.34 -24.86 -15.35
N PRO A 257 18.33 -23.81 -14.52
CA PRO A 257 19.04 -23.99 -13.25
C PRO A 257 18.46 -25.10 -12.37
N VAL A 258 19.31 -25.69 -11.53
CA VAL A 258 18.86 -26.65 -10.54
C VAL A 258 18.72 -25.98 -9.17
N HIS A 259 17.91 -24.91 -9.12
CA HIS A 259 17.80 -24.03 -7.92
C HIS A 259 17.73 -24.81 -6.60
N ASP A 260 16.83 -25.81 -6.54
CA ASP A 260 16.44 -26.40 -5.26
C ASP A 260 17.47 -27.36 -4.69
N ALA A 261 18.23 -27.98 -5.60
CA ALA A 261 19.25 -28.93 -5.23
C ALA A 261 20.40 -28.26 -4.46
N THR A 262 20.61 -26.94 -4.68
CA THR A 262 21.61 -26.16 -3.92
C THR A 262 21.39 -26.16 -2.42
N CYS A 263 20.14 -26.31 -2.00
CA CYS A 263 19.84 -26.43 -0.55
C CYS A 263 20.43 -27.71 0.04
N ILE A 264 20.31 -28.80 -0.70
CA ILE A 264 20.83 -30.08 -0.27
C ILE A 264 22.34 -29.97 -0.26
N GLY A 265 22.89 -29.50 -1.39
CA GLY A 265 24.31 -29.19 -1.49
C GLY A 265 24.84 -28.44 -0.29
N TYR A 266 24.13 -27.41 0.16
CA TYR A 266 24.57 -26.57 1.30
C TYR A 266 24.66 -27.34 2.60
N LEU A 267 23.76 -28.31 2.77
CA LEU A 267 23.73 -29.16 3.95
C LEU A 267 24.80 -30.24 3.90
N ILE A 268 25.03 -30.79 2.72
CA ILE A 268 26.12 -31.75 2.53
C ILE A 268 27.49 -31.11 2.82
N ASN A 269 27.70 -29.88 2.36
CA ASN A 269 28.96 -29.18 2.57
C ASN A 269 28.82 -27.66 2.35
N PRO A 270 28.71 -26.90 3.45
CA PRO A 270 28.49 -25.45 3.37
C PRO A 270 29.66 -24.70 2.76
N ASP A 271 30.82 -25.34 2.68
CA ASP A 271 32.00 -24.69 2.15
C ASP A 271 32.03 -24.54 0.63
N GLY A 272 31.13 -25.21 -0.08
CA GLY A 272 30.99 -24.98 -1.53
C GLY A 272 30.26 -23.71 -1.90
N ILE A 273 29.61 -23.09 -0.90
CA ILE A 273 28.73 -21.94 -1.06
C ILE A 273 29.21 -20.77 -0.17
N LYS A 274 29.38 -19.60 -0.76
CA LYS A 274 29.71 -18.40 0.02
C LYS A 274 28.42 -17.69 0.38
N THR A 275 28.25 -17.40 1.67
CA THR A 275 27.09 -16.64 2.15
C THR A 275 27.52 -15.37 2.86
N GLN A 276 26.62 -14.39 2.92
CA GLN A 276 26.82 -13.16 3.66
C GLN A 276 25.58 -12.94 4.51
N GLU A 277 25.78 -12.68 5.80
CA GLU A 277 24.69 -12.38 6.71
C GLU A 277 24.09 -11.01 6.43
N MET A 278 22.77 -10.92 6.41
CA MET A 278 22.08 -9.68 6.06
C MET A 278 20.78 -9.57 6.85
N TYR A 279 20.36 -8.32 7.10
CA TYR A 279 18.98 -8.08 7.50
C TYR A 279 18.06 -8.21 6.27
N VAL A 280 17.12 -9.13 6.30
CA VAL A 280 16.19 -9.33 5.17
C VAL A 280 14.74 -9.04 5.55
N GLU A 281 14.01 -8.39 4.64
CA GLU A 281 12.62 -8.05 4.89
C GLU A 281 11.78 -8.38 3.65
N VAL A 282 10.64 -9.01 3.85
CA VAL A 282 9.75 -9.32 2.77
C VAL A 282 8.73 -8.18 2.61
N ASP A 283 8.62 -7.70 1.37
CA ASP A 283 7.63 -6.69 0.95
C ASP A 283 6.26 -7.31 0.59
N VAL A 284 5.24 -7.00 1.39
CA VAL A 284 3.89 -7.48 1.15
C VAL A 284 2.98 -6.38 0.57
N ASN A 285 3.55 -5.22 0.22
CA ASN A 285 2.78 -4.20 -0.47
C ASN A 285 2.34 -4.73 -1.82
N SER A 286 1.05 -4.66 -2.12
CA SER A 286 0.60 -4.77 -3.53
C SER A 286 1.36 -3.71 -4.33
N GLY A 287 1.59 -3.96 -5.64
CA GLY A 287 2.37 -3.03 -6.48
C GLY A 287 3.67 -3.68 -6.97
N PRO A 288 4.62 -2.87 -7.46
CA PRO A 288 5.78 -3.35 -8.21
C PRO A 288 6.83 -4.20 -7.49
N CYS A 289 6.75 -4.26 -6.15
CA CYS A 289 7.71 -5.00 -5.33
C CYS A 289 7.05 -6.01 -4.42
N TYR A 290 5.79 -6.36 -4.76
CA TYR A 290 5.04 -7.42 -4.04
C TYR A 290 5.80 -8.72 -4.07
N GLY A 291 6.20 -9.20 -2.87
CA GLY A 291 6.99 -10.45 -2.76
C GLY A 291 8.49 -10.29 -3.01
N ARG A 292 9.00 -9.08 -2.91
CA ARG A 292 10.44 -8.84 -2.89
C ARG A 292 11.08 -9.14 -1.52
N THR A 293 12.20 -9.86 -1.53
CA THR A 293 13.03 -9.97 -0.34
C THR A 293 14.02 -8.82 -0.40
N VAL A 294 13.88 -7.87 0.53
CA VAL A 294 14.75 -6.72 0.51
C VAL A 294 15.92 -7.03 1.38
N CYS A 295 17.09 -7.14 0.77
CA CYS A 295 18.28 -7.59 1.53
C CYS A 295 19.24 -6.44 1.71
N ASP A 296 19.65 -6.21 2.96
CA ASP A 296 20.45 -5.03 3.32
C ASP A 296 21.91 -5.40 3.24
N GLU A 297 22.41 -5.41 2.00
CA GLU A 297 23.77 -5.82 1.63
C GLU A 297 24.79 -5.10 2.46
N LEU A 298 24.63 -3.78 2.55
CA LEU A 298 25.66 -2.90 3.07
C LEU A 298 25.45 -2.58 4.53
N GLY A 299 24.36 -3.09 5.11
CA GLY A 299 24.05 -2.83 6.53
C GLY A 299 23.58 -1.40 6.89
N VAL A 300 23.05 -0.65 5.91
CA VAL A 300 22.68 0.76 6.14
C VAL A 300 21.51 0.95 7.12
N LEU A 301 20.73 -0.09 7.41
CA LEU A 301 19.56 0.10 8.29
C LEU A 301 19.91 -0.02 9.77
N GLY A 302 21.11 -0.52 10.05
CA GLY A 302 21.56 -0.77 11.42
C GLY A 302 20.65 -1.76 12.12
N LYS A 303 20.18 -2.77 11.40
CA LYS A 303 19.36 -3.83 12.00
C LYS A 303 20.15 -5.13 12.04
N PRO A 304 19.99 -5.93 13.10
CA PRO A 304 20.79 -7.18 13.12
C PRO A 304 20.34 -8.18 12.05
N ALA A 305 21.32 -8.87 11.44
CA ALA A 305 21.12 -9.80 10.35
C ALA A 305 20.18 -10.90 10.81
N ASN A 306 19.36 -11.39 9.90
CA ASN A 306 18.43 -12.44 10.26
C ASN A 306 18.52 -13.64 9.34
N THR A 307 19.40 -13.53 8.33
CA THR A 307 19.55 -14.50 7.22
C THR A 307 20.99 -14.59 6.70
N LYS A 308 21.47 -15.82 6.49
CA LYS A 308 22.62 -16.04 5.63
C LYS A 308 22.16 -16.12 4.17
N VAL A 309 22.59 -15.16 3.37
CA VAL A 309 22.17 -15.02 1.97
C VAL A 309 23.22 -15.60 1.01
N GLY A 310 22.81 -16.50 0.12
CA GLY A 310 23.75 -17.12 -0.82
C GLY A 310 24.32 -16.09 -1.77
N ILE A 311 25.65 -16.05 -1.87
CA ILE A 311 26.36 -15.14 -2.78
C ILE A 311 26.93 -15.89 -3.99
N THR A 312 27.81 -16.85 -3.75
CA THR A 312 28.45 -17.62 -4.82
C THR A 312 28.51 -19.12 -4.49
N ILE A 313 28.45 -19.91 -5.56
CA ILE A 313 28.56 -21.37 -5.48
C ILE A 313 29.69 -21.93 -6.38
N ASP A 314 30.49 -22.84 -5.83
CA ASP A 314 31.53 -23.53 -6.61
C ASP A 314 30.87 -24.62 -7.48
N THR A 315 30.69 -24.33 -8.78
CA THR A 315 29.95 -25.25 -9.69
C THR A 315 30.67 -26.58 -9.99
N ASP A 316 32.00 -26.58 -9.90
CA ASP A 316 32.79 -27.82 -9.98
C ASP A 316 32.51 -28.75 -8.79
N TRP A 317 32.55 -28.20 -7.59
CA TRP A 317 32.24 -28.97 -6.39
C TRP A 317 30.82 -29.54 -6.50
N PHE A 318 29.91 -28.70 -6.96
CA PHE A 318 28.49 -28.94 -6.95
C PHE A 318 28.07 -29.99 -7.95
N TRP A 319 28.52 -29.86 -9.19
CA TRP A 319 28.22 -30.87 -10.22
C TRP A 319 28.86 -32.24 -9.91
N GLY A 320 30.03 -32.22 -9.29
CA GLY A 320 30.66 -33.42 -8.73
C GLY A 320 29.76 -34.07 -7.71
N LEU A 321 29.16 -33.25 -6.85
CA LEU A 321 28.22 -33.75 -5.82
C LEU A 321 26.93 -34.34 -6.43
N VAL A 322 26.39 -33.69 -7.47
CA VAL A 322 25.25 -34.22 -8.21
C VAL A 322 25.52 -35.62 -8.77
N GLU A 323 26.66 -35.77 -9.42
CA GLU A 323 27.11 -37.04 -10.01
C GLU A 323 27.28 -38.12 -8.95
N GLU A 324 27.95 -37.79 -7.84
CA GLU A 324 28.08 -38.65 -6.69
C GLU A 324 26.74 -39.24 -6.20
N CYS A 325 25.69 -38.42 -6.19
CA CYS A 325 24.33 -38.87 -5.84
C CYS A 325 23.70 -39.70 -6.94
N VAL A 326 23.83 -39.23 -8.18
CA VAL A 326 23.31 -39.98 -9.32
C VAL A 326 23.81 -41.45 -9.29
N ARG A 327 25.09 -41.64 -8.97
CA ARG A 327 25.75 -42.97 -8.97
C ARG A 327 25.35 -43.86 -7.78
N GLY A 328 24.95 -43.28 -6.64
CA GLY A 328 24.36 -44.07 -5.54
C GLY A 328 23.11 -44.87 -5.92
N TYR A 329 22.56 -44.62 -7.11
CA TYR A 329 21.34 -45.29 -7.58
C TYR A 329 21.57 -46.38 -8.63
N ILE A 330 22.78 -46.46 -9.15
CA ILE A 330 23.15 -47.56 -10.05
C ILE A 330 23.09 -48.86 -9.25
N LYS A 331 22.48 -49.88 -9.84
CA LYS A 331 22.18 -51.14 -9.13
C LYS A 331 23.24 -52.19 -9.33
N LYS B 23 -34.98 -25.38 11.74
CA LYS B 23 -33.72 -25.32 12.55
C LYS B 23 -32.54 -25.03 11.62
N ARG B 24 -31.78 -23.99 11.94
CA ARG B 24 -30.51 -23.71 11.27
C ARG B 24 -29.35 -24.34 12.04
N LYS B 25 -28.65 -25.27 11.39
CA LYS B 25 -27.40 -25.84 11.93
C LYS B 25 -26.27 -24.80 11.88
N ILE B 26 -25.59 -24.59 12.99
CA ILE B 26 -24.45 -23.64 13.05
C ILE B 26 -23.18 -24.21 13.69
N ILE B 27 -22.03 -23.67 13.26
CA ILE B 27 -20.79 -23.80 14.03
C ILE B 27 -20.47 -22.39 14.49
N LEU B 28 -20.36 -22.20 15.80
CA LEU B 28 -20.12 -20.89 16.37
C LEU B 28 -18.62 -20.72 16.65
N ASP B 29 -17.97 -19.85 15.88
CA ASP B 29 -16.57 -19.56 16.04
C ASP B 29 -16.34 -18.24 16.81
N CYS B 30 -15.64 -18.29 17.94
CA CYS B 30 -15.64 -17.15 18.89
C CYS B 30 -14.41 -17.05 19.79
N ASP B 31 -14.25 -15.89 20.43
CA ASP B 31 -13.09 -15.60 21.27
C ASP B 31 -13.50 -15.04 22.62
N PRO B 32 -14.22 -15.83 23.44
CA PRO B 32 -14.96 -15.21 24.54
C PRO B 32 -14.02 -14.54 25.58
N GLY B 33 -14.34 -13.31 26.03
CA GLY B 33 -15.30 -12.40 25.41
C GLY B 33 -16.68 -12.30 26.03
N HIS B 34 -17.01 -11.12 26.53
CA HIS B 34 -18.30 -10.85 27.18
C HIS B 34 -19.51 -11.06 26.30
N ASP B 35 -19.53 -10.43 25.11
CA ASP B 35 -20.68 -10.61 24.20
C ASP B 35 -20.66 -11.97 23.48
N ASP B 36 -19.48 -12.56 23.27
CA ASP B 36 -19.40 -13.95 22.83
C ASP B 36 -20.17 -14.91 23.75
N ALA B 37 -20.02 -14.72 25.06
CA ALA B 37 -20.70 -15.52 26.06
C ALA B 37 -22.21 -15.41 25.90
N ILE B 38 -22.73 -14.21 25.64
CA ILE B 38 -24.20 -14.00 25.40
C ILE B 38 -24.64 -14.71 24.10
N ALA B 39 -23.78 -14.64 23.08
CA ALA B 39 -24.05 -15.35 21.86
C ALA B 39 -24.13 -16.89 22.16
N ILE B 40 -23.18 -17.41 22.95
CA ILE B 40 -23.17 -18.84 23.28
C ILE B 40 -24.46 -19.20 24.00
N MET B 41 -24.88 -18.32 24.90
CA MET B 41 -26.07 -18.52 25.69
C MET B 41 -27.30 -18.64 24.77
N MET B 42 -27.41 -17.73 23.80
CA MET B 42 -28.60 -17.71 22.92
C MET B 42 -28.64 -18.89 21.96
N ALA B 43 -27.51 -19.13 21.28
CA ALA B 43 -27.41 -20.17 20.27
C ALA B 43 -27.72 -21.53 20.85
N ALA B 44 -27.25 -21.77 22.06
CA ALA B 44 -27.38 -23.10 22.64
C ALA B 44 -28.82 -23.38 23.03
N LYS B 45 -29.60 -22.33 23.30
CA LYS B 45 -30.93 -22.50 23.90
C LYS B 45 -32.12 -22.46 22.93
N HIS B 46 -32.03 -21.59 21.91
CA HIS B 46 -33.14 -21.35 21.00
C HIS B 46 -33.44 -22.53 20.11
N PRO B 47 -34.73 -23.00 20.10
CA PRO B 47 -35.13 -24.12 19.27
C PRO B 47 -34.92 -23.92 17.74
N ALA B 48 -34.84 -22.69 17.26
CA ALA B 48 -34.55 -22.42 15.83
C ALA B 48 -33.06 -22.54 15.42
N ILE B 49 -32.17 -22.78 16.39
CA ILE B 49 -30.73 -22.98 16.16
C ILE B 49 -30.31 -24.41 16.59
N ASP B 50 -29.58 -25.10 15.74
CA ASP B 50 -28.97 -26.40 16.05
C ASP B 50 -27.46 -26.13 16.18
N LEU B 51 -27.00 -25.98 17.42
CA LEU B 51 -25.59 -25.66 17.65
C LEU B 51 -24.73 -26.92 17.63
N LEU B 52 -24.01 -27.15 16.52
CA LEU B 52 -23.21 -28.36 16.31
C LEU B 52 -21.92 -28.41 17.12
N GLY B 53 -21.31 -27.26 17.32
CA GLY B 53 -20.06 -27.19 18.08
C GLY B 53 -19.56 -25.78 18.16
N ILE B 54 -18.65 -25.55 19.11
CA ILE B 54 -18.05 -24.22 19.33
C ILE B 54 -16.55 -24.30 19.05
N THR B 55 -16.07 -23.44 18.16
CA THR B 55 -14.65 -23.36 17.88
C THR B 55 -14.10 -22.06 18.47
N ILE B 56 -12.90 -22.10 19.01
CA ILE B 56 -12.33 -20.98 19.73
C ILE B 56 -11.15 -20.42 18.95
N VAL B 57 -11.05 -19.09 18.92
CA VAL B 57 -9.94 -18.39 18.31
C VAL B 57 -9.32 -17.39 19.31
N ALA B 58 -8.01 -17.16 19.21
CA ALA B 58 -7.40 -16.04 19.94
C ALA B 58 -7.98 -14.71 19.41
N GLY B 59 -8.14 -13.73 20.30
CA GLY B 59 -8.70 -12.43 19.90
C GLY B 59 -8.76 -11.44 21.06
N ASN B 60 -9.96 -11.32 21.64
CA ASN B 60 -10.21 -10.59 22.86
C ASN B 60 -9.07 -10.75 23.86
N GLN B 61 -8.64 -12.01 24.05
CA GLN B 61 -7.47 -12.41 24.81
C GLN B 61 -6.77 -13.58 24.09
N THR B 62 -5.60 -13.97 24.61
CA THR B 62 -4.85 -15.10 24.07
C THR B 62 -5.67 -16.41 24.13
N LEU B 63 -5.37 -17.37 23.25
CA LEU B 63 -6.19 -18.59 23.16
C LEU B 63 -6.29 -19.39 24.49
N ASP B 64 -5.20 -19.43 25.26
CA ASP B 64 -5.25 -20.13 26.56
C ASP B 64 -6.40 -19.61 27.42
N LYS B 65 -6.61 -18.29 27.32
CA LYS B 65 -7.65 -17.56 28.06
C LYS B 65 -9.04 -17.67 27.49
N THR B 66 -9.16 -17.39 26.18
CA THR B 66 -10.46 -17.48 25.48
C THR B 66 -11.06 -18.90 25.53
N LEU B 67 -10.19 -19.91 25.50
CA LEU B 67 -10.59 -21.29 25.68
C LEU B 67 -11.24 -21.54 27.03
N ILE B 68 -10.53 -21.20 28.10
CA ILE B 68 -11.06 -21.33 29.48
C ILE B 68 -12.40 -20.60 29.66
N ASN B 69 -12.46 -19.35 29.19
CA ASN B 69 -13.69 -18.56 29.22
C ASN B 69 -14.84 -19.27 28.53
N GLY B 70 -14.59 -19.76 27.32
CA GLY B 70 -15.57 -20.54 26.56
C GLY B 70 -15.99 -21.79 27.32
N LEU B 71 -15.04 -22.54 27.87
CA LEU B 71 -15.40 -23.73 28.70
C LEU B 71 -16.24 -23.38 29.96
N ASN B 72 -15.82 -22.35 30.69
CA ASN B 72 -16.54 -21.86 31.87
C ASN B 72 -17.99 -21.46 31.61
N VAL B 73 -18.23 -20.83 30.47
CA VAL B 73 -19.58 -20.42 30.08
C VAL B 73 -20.47 -21.66 29.88
N CYS B 74 -20.03 -22.59 29.05
CA CYS B 74 -20.76 -23.84 28.83
C CYS B 74 -20.96 -24.63 30.14
N GLN B 75 -19.93 -24.75 30.97
CA GLN B 75 -20.06 -25.49 32.26
C GLN B 75 -21.12 -24.87 33.18
N LYS B 76 -21.04 -23.56 33.36
CA LYS B 76 -21.94 -22.82 34.22
C LYS B 76 -23.41 -22.98 33.77
N LEU B 77 -23.60 -22.92 32.46
CA LEU B 77 -24.95 -22.96 31.88
C LEU B 77 -25.34 -24.38 31.54
N GLU B 78 -24.48 -25.34 31.88
CA GLU B 78 -24.73 -26.76 31.59
C GLU B 78 -25.10 -26.95 30.10
N ILE B 79 -24.28 -26.39 29.21
CA ILE B 79 -24.43 -26.57 27.77
C ILE B 79 -23.55 -27.75 27.39
N ASN B 80 -24.16 -28.74 26.75
CA ASN B 80 -23.49 -29.95 26.30
C ASN B 80 -23.20 -29.97 24.81
N VAL B 81 -22.14 -29.24 24.47
CA VAL B 81 -21.72 -29.02 23.09
C VAL B 81 -20.20 -29.10 23.08
N PRO B 82 -19.63 -29.90 22.14
CA PRO B 82 -18.17 -30.04 22.05
C PRO B 82 -17.53 -28.67 21.79
N VAL B 83 -16.42 -28.40 22.51
CA VAL B 83 -15.59 -27.21 22.35
C VAL B 83 -14.17 -27.53 21.78
N TYR B 84 -13.77 -26.79 20.75
CA TYR B 84 -12.51 -27.07 20.04
C TYR B 84 -11.61 -25.86 20.01
N ALA B 85 -10.35 -26.05 20.37
CA ALA B 85 -9.37 -24.96 20.33
C ALA B 85 -8.77 -24.83 18.96
N GLY B 86 -8.61 -23.60 18.48
CA GLY B 86 -8.13 -23.30 17.13
C GLY B 86 -6.87 -22.48 17.04
N MET B 87 -6.89 -21.43 16.23
CA MET B 87 -5.66 -20.65 15.96
C MET B 87 -5.30 -19.75 17.12
N PRO B 88 -4.08 -19.88 17.70
CA PRO B 88 -3.65 -19.02 18.80
C PRO B 88 -3.05 -17.70 18.31
N GLN B 89 -3.07 -17.45 17.01
CA GLN B 89 -2.36 -16.33 16.39
C GLN B 89 -2.95 -16.06 15.01
N PRO B 90 -2.89 -14.79 14.56
CA PRO B 90 -3.41 -14.47 13.23
C PRO B 90 -2.52 -15.07 12.13
N ILE B 91 -3.06 -15.15 10.91
CA ILE B 91 -2.35 -15.81 9.86
C ILE B 91 -1.04 -15.12 9.41
N MET B 92 -0.97 -13.78 9.53
CA MET B 92 0.29 -13.08 9.21
C MET B 92 0.79 -11.96 10.21
N ARG B 93 -0.10 -11.09 10.68
CA ARG B 93 0.29 -9.87 11.45
C ARG B 93 0.79 -10.18 12.86
N GLN B 94 1.38 -9.17 13.51
CA GLN B 94 1.68 -9.24 14.96
C GLN B 94 0.41 -9.21 15.76
N GLN B 95 0.32 -10.12 16.73
CA GLN B 95 -0.89 -10.29 17.52
C GLN B 95 -1.24 -9.05 18.29
N ILE B 96 -2.53 -8.80 18.46
CA ILE B 96 -3.03 -7.77 19.38
C ILE B 96 -4.17 -8.36 20.21
N VAL B 97 -4.38 -7.90 21.44
CA VAL B 97 -5.57 -8.28 22.23
C VAL B 97 -6.48 -7.07 22.52
N ALA B 98 -7.73 -7.34 22.95
CA ALA B 98 -8.68 -6.29 23.35
C ALA B 98 -8.58 -5.93 24.83
N ASP B 104 -8.97 -8.83 31.44
CA ASP B 104 -7.68 -9.37 31.87
C ASP B 104 -7.61 -10.92 31.88
N THR B 105 -8.70 -11.57 32.25
CA THR B 105 -8.96 -12.96 31.87
C THR B 105 -9.68 -12.95 30.51
N GLY B 106 -10.13 -11.77 30.09
CA GLY B 106 -10.88 -11.62 28.84
C GLY B 106 -12.39 -11.72 29.04
N LEU B 107 -12.81 -12.01 30.28
CA LEU B 107 -14.23 -12.20 30.66
C LEU B 107 -14.48 -11.93 32.16
N ASP B 108 -13.99 -10.79 32.67
CA ASP B 108 -14.21 -10.42 34.11
C ASP B 108 -15.68 -10.11 34.41
N GLY B 109 -16.07 -10.34 35.66
CA GLY B 109 -17.48 -10.17 36.02
C GLY B 109 -18.07 -11.38 36.72
N PRO B 110 -18.45 -12.44 35.95
CA PRO B 110 -18.92 -13.66 36.59
C PRO B 110 -17.84 -14.45 37.33
N VAL B 111 -18.29 -15.20 38.32
CA VAL B 111 -17.45 -16.05 39.12
C VAL B 111 -17.81 -17.45 38.67
N PHE B 112 -16.80 -18.22 38.28
CA PHE B 112 -16.96 -19.60 37.85
C PHE B 112 -16.29 -20.55 38.83
N GLU B 113 -16.96 -21.66 39.18
CA GLU B 113 -16.34 -22.79 39.91
C GLU B 113 -15.06 -23.33 39.22
N PRO B 114 -14.30 -24.25 39.87
CA PRO B 114 -13.23 -24.97 39.12
C PRO B 114 -13.78 -25.78 37.94
N LEU B 115 -13.12 -25.68 36.79
CA LEU B 115 -13.52 -26.37 35.56
C LEU B 115 -13.56 -27.89 35.67
N THR B 116 -14.70 -28.47 35.32
CA THR B 116 -14.91 -29.92 35.25
C THR B 116 -15.08 -30.48 33.81
N ARG B 117 -14.70 -29.71 32.79
CA ARG B 117 -14.74 -30.16 31.38
C ARG B 117 -13.47 -29.74 30.68
N GLN B 118 -13.21 -30.34 29.52
CA GLN B 118 -12.00 -29.98 28.77
C GLN B 118 -12.37 -29.81 27.29
N ALA B 119 -11.53 -29.10 26.53
CA ALA B 119 -11.64 -29.03 25.06
C ALA B 119 -11.49 -30.43 24.43
N GLU B 120 -12.08 -30.64 23.25
CA GLU B 120 -11.81 -31.84 22.46
C GLU B 120 -10.31 -31.92 22.06
N SER B 121 -9.88 -33.02 21.41
CA SER B 121 -8.48 -33.09 21.02
C SER B 121 -8.26 -32.66 19.57
N THR B 122 -9.31 -32.78 18.76
CA THR B 122 -9.27 -32.34 17.36
C THR B 122 -9.11 -30.82 17.29
N HIS B 123 -8.15 -30.37 16.48
CA HIS B 123 -7.96 -28.95 16.27
C HIS B 123 -9.19 -28.38 15.57
N ALA B 124 -9.57 -27.17 15.97
CA ALA B 124 -10.75 -26.45 15.45
C ALA B 124 -10.82 -26.39 13.93
N VAL B 125 -9.66 -26.21 13.27
CA VAL B 125 -9.57 -26.04 11.81
C VAL B 125 -9.93 -27.36 11.13
N LYS B 126 -9.41 -28.46 11.71
CA LYS B 126 -9.70 -29.79 11.20
C LYS B 126 -11.16 -30.14 11.40
N TYR B 127 -11.66 -29.87 12.61
CA TYR B 127 -13.10 -30.02 12.92
C TYR B 127 -14.00 -29.34 11.88
N ILE B 128 -13.66 -28.08 11.54
CA ILE B 128 -14.48 -27.25 10.65
C ILE B 128 -14.50 -27.90 9.27
N ILE B 129 -13.32 -28.31 8.81
CA ILE B 129 -13.14 -28.92 7.51
C ILE B 129 -13.89 -30.24 7.37
N ASP B 130 -13.66 -31.17 8.31
CA ASP B 130 -14.29 -32.49 8.26
C ASP B 130 -15.80 -32.45 8.41
N THR B 131 -16.29 -31.62 9.33
CA THR B 131 -17.72 -31.46 9.54
C THR B 131 -18.41 -30.91 8.30
N LEU B 132 -17.78 -29.95 7.61
CA LEU B 132 -18.32 -29.37 6.37
C LEU B 132 -18.29 -30.34 5.19
N MET B 133 -17.13 -30.98 4.98
CA MET B 133 -17.00 -32.03 3.97
C MET B 133 -18.01 -33.19 4.12
N ALA B 134 -18.23 -33.63 5.35
CA ALA B 134 -19.19 -34.72 5.68
C ALA B 134 -20.65 -34.29 5.56
N SER B 135 -20.90 -32.99 5.57
CA SER B 135 -22.25 -32.44 5.58
C SER B 135 -22.96 -32.49 4.23
N ASP B 136 -24.22 -32.09 4.25
CA ASP B 136 -25.05 -31.95 3.07
C ASP B 136 -25.15 -30.51 2.57
N GLY B 137 -24.22 -29.64 3.01
CA GLY B 137 -24.14 -28.23 2.60
C GLY B 137 -25.14 -27.30 3.30
N ASP B 138 -25.66 -27.77 4.42
CA ASP B 138 -26.74 -27.11 5.18
C ASP B 138 -26.30 -26.34 6.45
N ILE B 139 -24.99 -26.32 6.71
CA ILE B 139 -24.42 -25.70 7.92
C ILE B 139 -23.99 -24.26 7.63
N THR B 140 -24.37 -23.36 8.53
CA THR B 140 -24.00 -21.96 8.47
C THR B 140 -22.84 -21.78 9.46
N LEU B 141 -21.79 -21.04 9.06
CA LEU B 141 -20.72 -20.65 9.97
C LEU B 141 -21.02 -19.29 10.60
N VAL B 142 -20.77 -19.18 11.90
CA VAL B 142 -21.06 -17.95 12.63
C VAL B 142 -19.78 -17.48 13.36
N PRO B 143 -18.91 -16.74 12.65
CA PRO B 143 -17.72 -16.18 13.27
C PRO B 143 -17.96 -14.82 13.91
N VAL B 144 -17.50 -14.68 15.17
CA VAL B 144 -17.72 -13.47 15.97
C VAL B 144 -16.43 -13.07 16.74
N GLY B 145 -15.30 -13.57 16.27
CA GLY B 145 -13.97 -13.12 16.66
C GLY B 145 -13.18 -12.88 15.39
N PRO B 146 -11.85 -12.69 15.52
CA PRO B 146 -11.05 -12.62 14.28
C PRO B 146 -11.28 -13.90 13.44
N LEU B 147 -11.03 -13.80 12.12
CA LEU B 147 -11.34 -14.87 11.12
C LEU B 147 -10.20 -15.87 10.81
N SER B 148 -9.23 -16.00 11.69
CA SER B 148 -8.11 -16.94 11.53
C SER B 148 -8.54 -18.39 11.32
N ASN B 149 -9.48 -18.92 12.13
CA ASN B 149 -9.90 -20.33 11.95
C ASN B 149 -10.53 -20.54 10.55
N ILE B 150 -11.32 -19.54 10.13
CA ILE B 150 -12.11 -19.63 8.90
C ILE B 150 -11.22 -19.55 7.67
N ALA B 151 -10.29 -18.59 7.66
CA ALA B 151 -9.36 -18.42 6.54
C ALA B 151 -8.39 -19.60 6.41
N VAL B 152 -7.90 -20.13 7.54
CA VAL B 152 -7.05 -21.33 7.50
C VAL B 152 -7.76 -22.56 6.94
N ALA B 153 -8.97 -22.85 7.40
CA ALA B 153 -9.77 -23.91 6.83
C ALA B 153 -10.07 -23.71 5.34
N MET B 154 -10.47 -22.51 4.95
CA MET B 154 -10.86 -22.24 3.56
C MET B 154 -9.74 -22.53 2.58
N ARG B 155 -8.52 -22.13 2.96
CA ARG B 155 -7.31 -22.27 2.17
C ARG B 155 -6.66 -23.65 2.31
N MET B 156 -6.86 -24.28 3.45
CA MET B 156 -6.35 -25.63 3.66
C MET B 156 -7.17 -26.67 2.86
N GLN B 157 -8.47 -26.45 2.83
CA GLN B 157 -9.38 -27.30 2.05
C GLN B 157 -10.38 -26.41 1.34
N PRO B 158 -10.03 -25.92 0.12
CA PRO B 158 -10.91 -25.09 -0.68
C PRO B 158 -12.24 -25.75 -1.04
N ALA B 159 -12.32 -27.08 -0.93
CA ALA B 159 -13.56 -27.80 -1.28
C ALA B 159 -14.73 -27.62 -0.30
N ILE B 160 -14.47 -27.07 0.89
CA ILE B 160 -15.52 -26.75 1.87
C ILE B 160 -16.39 -25.59 1.37
N LEU B 161 -15.85 -24.77 0.46
CA LEU B 161 -16.51 -23.52 0.05
C LEU B 161 -17.96 -23.69 -0.42
N PRO B 162 -18.20 -24.56 -1.44
CA PRO B 162 -19.60 -24.74 -1.84
C PRO B 162 -20.47 -25.44 -0.79
N LYS B 163 -19.83 -26.11 0.18
CA LYS B 163 -20.48 -26.77 1.32
C LYS B 163 -21.04 -25.84 2.35
N ILE B 164 -20.55 -24.60 2.39
CA ILE B 164 -21.02 -23.62 3.40
C ILE B 164 -22.28 -22.96 2.89
N ARG B 165 -23.39 -23.13 3.62
CA ARG B 165 -24.63 -22.53 3.24
C ARG B 165 -24.56 -21.00 3.29
N GLU B 166 -24.00 -20.47 4.38
CA GLU B 166 -23.89 -19.04 4.54
C GLU B 166 -22.88 -18.77 5.63
N ILE B 167 -22.26 -17.59 5.61
CA ILE B 167 -21.49 -17.09 6.78
C ILE B 167 -22.16 -15.84 7.36
N VAL B 168 -22.56 -15.92 8.63
CA VAL B 168 -23.08 -14.75 9.35
C VAL B 168 -22.04 -14.32 10.38
N LEU B 169 -21.33 -13.24 10.10
CA LEU B 169 -20.20 -12.82 10.91
C LEU B 169 -20.45 -11.50 11.65
N MET B 170 -19.95 -11.39 12.90
CA MET B 170 -19.80 -10.07 13.58
C MET B 170 -18.41 -9.46 13.28
N GLY B 171 -18.38 -8.32 12.58
CA GLY B 171 -17.10 -7.72 12.17
C GLY B 171 -17.28 -6.55 11.24
N GLY B 172 -16.22 -5.72 11.09
CA GLY B 172 -16.24 -4.55 10.20
C GLY B 172 -17.16 -3.39 10.59
N ALA B 173 -17.20 -2.38 9.72
CA ALA B 173 -17.97 -1.16 9.93
C ALA B 173 -17.92 -0.38 8.64
N TYR B 174 -19.06 0.03 8.11
CA TYR B 174 -19.03 0.86 6.88
C TYR B 174 -18.72 2.31 7.25
N GLY B 175 -18.97 2.68 8.51
CA GLY B 175 -18.62 3.99 9.00
C GLY B 175 -17.31 3.98 9.79
N THR B 176 -17.39 4.41 11.05
CA THR B 176 -16.26 4.49 11.97
C THR B 176 -16.00 3.14 12.69
N GLY B 177 -14.73 2.78 12.82
CA GLY B 177 -14.37 1.54 13.48
C GLY B 177 -14.28 1.79 14.98
N ASN B 178 -13.71 0.85 15.70
CA ASN B 178 -13.58 1.07 17.14
C ASN B 178 -12.14 1.07 17.54
N PHE B 179 -11.45 -0.03 17.26
CA PHE B 179 -10.04 -0.15 17.59
C PHE B 179 -9.19 0.90 16.91
N THR B 180 -9.51 1.25 15.66
CA THR B 180 -8.92 2.43 15.01
C THR B 180 -10.08 3.16 14.32
N PRO B 181 -9.87 4.42 13.89
CA PRO B 181 -10.94 5.15 13.18
C PRO B 181 -11.45 4.38 11.96
N SER B 182 -10.61 3.52 11.41
CA SER B 182 -10.93 2.83 10.15
C SER B 182 -11.44 1.41 10.33
N ALA B 183 -11.06 0.77 11.44
CA ALA B 183 -11.17 -0.67 11.59
C ALA B 183 -11.84 -1.12 12.86
N GLU B 184 -12.72 -2.12 12.72
CA GLU B 184 -13.36 -2.81 13.85
C GLU B 184 -12.38 -3.91 14.32
N PHE B 185 -12.39 -4.21 15.63
CA PHE B 185 -11.41 -5.10 16.23
C PHE B 185 -11.23 -6.49 15.52
N ASN B 186 -12.32 -7.20 15.27
CA ASN B 186 -12.23 -8.52 14.67
C ASN B 186 -11.49 -8.54 13.33
N ILE B 187 -11.71 -7.51 12.53
CA ILE B 187 -11.03 -7.43 11.24
C ILE B 187 -9.60 -6.94 11.46
N PHE B 188 -9.45 -5.88 12.24
CA PHE B 188 -8.11 -5.33 12.54
C PHE B 188 -7.12 -6.39 13.11
N ALA B 189 -7.67 -7.30 13.92
CA ALA B 189 -6.85 -8.39 14.49
C ALA B 189 -6.34 -9.44 13.49
N ASP B 190 -6.98 -9.56 12.31
CA ASP B 190 -6.42 -10.42 11.28
C ASP B 190 -6.99 -10.00 9.92
N PRO B 191 -6.46 -8.90 9.35
CA PRO B 191 -6.97 -8.41 8.07
C PRO B 191 -6.83 -9.38 6.93
N GLU B 192 -5.73 -10.11 6.93
CA GLU B 192 -5.42 -11.01 5.82
C GLU B 192 -6.40 -12.17 5.86
N ALA B 193 -6.62 -12.72 7.03
CA ALA B 193 -7.70 -13.71 7.23
C ALA B 193 -9.06 -13.17 6.77
N ALA B 194 -9.36 -11.90 7.09
CA ALA B 194 -10.58 -11.24 6.63
C ALA B 194 -10.68 -11.15 5.10
N ARG B 195 -9.57 -10.87 4.44
CA ARG B 195 -9.52 -10.73 2.99
C ARG B 195 -9.83 -12.08 2.36
N VAL B 196 -9.43 -13.17 2.99
CA VAL B 196 -9.75 -14.51 2.44
C VAL B 196 -11.27 -14.76 2.55
N VAL B 197 -11.85 -14.47 3.71
CA VAL B 197 -13.28 -14.66 3.86
C VAL B 197 -14.10 -13.82 2.84
N PHE B 198 -13.71 -12.57 2.63
CA PHE B 198 -14.49 -11.66 1.80
C PHE B 198 -14.32 -11.88 0.28
N THR B 199 -13.28 -12.63 -0.09
CA THR B 199 -13.04 -13.01 -1.49
C THR B 199 -13.38 -14.50 -1.73
N SER B 200 -13.96 -15.17 -0.74
CA SER B 200 -14.34 -16.59 -0.87
C SER B 200 -15.55 -16.88 -1.79
N GLY B 201 -16.41 -15.92 -2.08
CA GLY B 201 -17.60 -16.18 -2.92
C GLY B 201 -18.75 -16.91 -2.21
N VAL B 202 -18.56 -17.21 -0.91
CA VAL B 202 -19.62 -17.79 -0.06
C VAL B 202 -20.62 -16.68 0.33
N PRO B 203 -21.93 -17.00 0.43
CA PRO B 203 -22.88 -15.96 0.89
C PRO B 203 -22.54 -15.39 2.27
N LEU B 204 -22.45 -14.06 2.34
CA LEU B 204 -21.97 -13.40 3.57
C LEU B 204 -23.02 -12.52 4.13
N VAL B 205 -23.17 -12.58 5.43
CA VAL B 205 -23.91 -11.54 6.12
C VAL B 205 -22.97 -10.92 7.13
N MET B 206 -22.88 -9.59 7.15
CA MET B 206 -21.99 -8.82 8.04
C MET B 206 -22.75 -7.95 9.03
N MET B 207 -22.60 -8.28 10.31
CA MET B 207 -23.16 -7.45 11.35
C MET B 207 -22.03 -6.55 11.84
N GLY B 208 -21.94 -5.34 11.26
CA GLY B 208 -20.88 -4.38 11.58
C GLY B 208 -21.19 -3.56 12.82
N LEU B 209 -20.25 -2.70 13.21
CA LEU B 209 -20.49 -1.72 14.31
C LEU B 209 -21.66 -0.73 14.07
N ASP B 210 -21.93 -0.41 12.80
CA ASP B 210 -23.02 0.50 12.42
C ASP B 210 -24.35 -0.06 12.92
N LEU B 211 -24.49 -1.38 12.90
CA LEU B 211 -25.66 -2.06 13.43
C LEU B 211 -25.49 -2.36 14.91
N THR B 212 -24.42 -3.04 15.28
CA THR B 212 -24.27 -3.55 16.65
C THR B 212 -24.13 -2.47 17.74
N ASN B 213 -23.63 -1.29 17.38
CA ASN B 213 -23.61 -0.17 18.31
C ASN B 213 -25.01 0.33 18.72
N GLN B 214 -26.02 0.03 17.92
CA GLN B 214 -27.43 0.25 18.29
C GLN B 214 -27.94 -0.66 19.43
N THR B 215 -27.23 -1.74 19.74
CA THR B 215 -27.69 -2.67 20.79
C THR B 215 -27.04 -2.43 22.13
N VAL B 216 -26.94 -1.16 22.55
CA VAL B 216 -26.31 -0.81 23.85
C VAL B 216 -27.06 -1.39 25.04
N CYS B 217 -26.32 -2.01 25.96
CA CYS B 217 -26.95 -2.63 27.11
C CYS B 217 -26.81 -1.77 28.36
N THR B 218 -27.83 -0.93 28.54
CA THR B 218 -27.95 0.01 29.65
C THR B 218 -28.46 -0.66 30.95
N PRO B 219 -28.23 -0.01 32.14
CA PRO B 219 -28.67 -0.58 33.42
C PRO B 219 -30.11 -1.11 33.47
N ASP B 220 -31.03 -0.45 32.73
CA ASP B 220 -32.43 -0.90 32.62
C ASP B 220 -32.61 -2.22 31.84
N VAL B 221 -31.69 -2.54 30.92
CA VAL B 221 -31.74 -3.82 30.16
C VAL B 221 -31.22 -4.95 31.04
N ILE B 222 -30.16 -4.64 31.79
CA ILE B 222 -29.56 -5.59 32.73
C ILE B 222 -30.56 -6.00 33.81
N ALA B 223 -31.24 -5.00 34.39
CA ALA B 223 -32.20 -5.21 35.47
C ALA B 223 -33.37 -6.06 34.98
N ARG B 224 -33.72 -5.90 33.70
CA ARG B 224 -34.74 -6.75 33.08
C ARG B 224 -34.35 -8.25 33.06
N MET B 225 -33.09 -8.53 32.76
CA MET B 225 -32.63 -9.89 32.67
C MET B 225 -32.45 -10.49 34.08
N GLU B 226 -31.97 -9.68 35.04
CA GLU B 226 -31.93 -10.05 36.46
C GLU B 226 -33.29 -10.54 36.95
N ARG B 227 -34.34 -9.83 36.51
CA ARG B 227 -35.72 -10.12 36.86
C ARG B 227 -36.23 -11.46 36.29
N ALA B 228 -35.84 -11.77 35.07
CA ALA B 228 -36.10 -13.09 34.51
C ALA B 228 -35.33 -14.18 35.28
N GLY B 229 -34.14 -13.82 35.78
CA GLY B 229 -33.38 -14.67 36.72
C GLY B 229 -32.85 -15.97 36.14
N GLY B 230 -32.62 -16.96 37.01
CA GLY B 230 -32.03 -18.25 36.62
C GLY B 230 -30.54 -18.11 36.32
N PRO B 231 -29.87 -19.20 35.92
CA PRO B 231 -28.42 -19.11 35.69
C PRO B 231 -28.01 -18.17 34.54
N ALA B 232 -28.80 -18.09 33.47
CA ALA B 232 -28.50 -17.22 32.32
C ALA B 232 -28.76 -15.75 32.59
N GLY B 233 -29.85 -15.44 33.28
CA GLY B 233 -30.08 -14.07 33.76
C GLY B 233 -29.03 -13.55 34.72
N GLU B 234 -28.50 -14.41 35.59
CA GLU B 234 -27.46 -13.98 36.55
C GLU B 234 -26.12 -13.76 35.81
N LEU B 235 -25.78 -14.68 34.92
CA LEU B 235 -24.57 -14.57 34.13
C LEU B 235 -24.61 -13.29 33.29
N PHE B 236 -25.76 -13.04 32.64
CA PHE B 236 -25.94 -11.83 31.84
C PHE B 236 -25.67 -10.56 32.64
N SER B 237 -26.16 -10.54 33.89
CA SER B 237 -25.92 -9.43 34.80
C SER B 237 -24.45 -9.28 35.18
N ASP B 238 -23.82 -10.38 35.62
CA ASP B 238 -22.43 -10.31 36.07
C ASP B 238 -21.52 -9.83 34.94
N ILE B 239 -21.84 -10.26 33.71
CA ILE B 239 -21.04 -9.98 32.50
C ILE B 239 -21.19 -8.53 32.03
N MET B 240 -22.44 -8.13 31.84
CA MET B 240 -22.78 -6.85 31.26
C MET B 240 -22.53 -5.65 32.19
N ASN B 241 -22.52 -5.92 33.48
CA ASN B 241 -21.99 -4.94 34.41
C ASN B 241 -20.54 -4.54 34.19
N PHE B 242 -19.65 -5.50 33.98
CA PHE B 242 -18.27 -5.12 33.68
C PHE B 242 -18.17 -4.18 32.45
N THR B 243 -18.64 -4.62 31.27
CA THR B 243 -18.48 -3.86 30.01
C THR B 243 -19.12 -2.49 30.01
N LEU B 244 -20.14 -2.32 30.85
CA LEU B 244 -20.78 -1.03 31.11
C LEU B 244 -19.74 0.11 31.28
N LYS B 245 -18.73 -0.12 32.12
CA LYS B 245 -17.72 0.90 32.41
C LYS B 245 -16.72 1.09 31.26
N THR B 246 -16.18 -0.02 30.75
CA THR B 246 -15.10 -0.02 29.73
C THR B 246 -15.55 0.28 28.28
N GLN B 247 -16.83 0.11 27.96
CA GLN B 247 -17.38 0.64 26.72
C GLN B 247 -17.45 2.18 26.74
N PHE B 248 -17.91 2.76 27.87
CA PHE B 248 -18.01 4.23 28.01
C PHE B 248 -16.66 4.99 27.97
N GLU B 249 -15.68 4.57 28.78
CA GLU B 249 -14.34 5.18 28.79
C GLU B 249 -13.59 5.14 27.44
N ASN B 250 -13.80 4.06 26.68
CA ASN B 250 -13.11 3.81 25.41
C ASN B 250 -13.76 4.39 24.15
N TYR B 251 -15.08 4.27 24.05
CA TYR B 251 -15.82 4.62 22.82
C TYR B 251 -16.97 5.61 23.07
N GLY B 252 -17.11 6.05 24.34
CA GLY B 252 -18.18 6.96 24.77
C GLY B 252 -19.61 6.41 24.70
N LEU B 253 -19.76 5.10 24.59
CA LEU B 253 -21.06 4.41 24.46
C LEU B 253 -21.82 4.33 25.78
N ALA B 254 -23.15 4.36 25.72
CA ALA B 254 -24.05 4.32 26.92
C ALA B 254 -24.08 3.00 27.75
N GLY B 255 -23.43 1.95 27.24
CA GLY B 255 -23.34 0.67 27.92
C GLY B 255 -22.91 -0.35 26.90
N GLY B 256 -22.03 -1.26 27.30
CA GLY B 256 -21.51 -2.28 26.38
C GLY B 256 -22.53 -2.79 25.35
N PRO B 257 -22.35 -2.46 24.07
CA PRO B 257 -23.23 -3.10 23.07
C PRO B 257 -23.12 -4.62 23.18
N VAL B 258 -24.08 -5.35 22.62
CA VAL B 258 -23.96 -6.81 22.59
C VAL B 258 -23.80 -7.31 21.13
N HIS B 259 -22.60 -7.07 20.60
CA HIS B 259 -22.31 -7.22 19.18
C HIS B 259 -22.62 -8.60 18.65
N ASP B 260 -21.97 -9.60 19.24
CA ASP B 260 -21.98 -10.97 18.73
C ASP B 260 -23.31 -11.71 18.74
N ALA B 261 -24.14 -11.40 19.76
CA ALA B 261 -25.49 -11.94 19.90
C ALA B 261 -26.42 -11.60 18.71
N THR B 262 -26.13 -10.51 17.97
CA THR B 262 -26.94 -10.09 16.80
C THR B 262 -26.88 -11.11 15.66
N CYS B 263 -25.77 -11.82 15.59
CA CYS B 263 -25.67 -12.87 14.58
C CYS B 263 -26.65 -14.01 14.86
N ILE B 264 -26.84 -14.33 16.14
CA ILE B 264 -27.79 -15.37 16.55
C ILE B 264 -29.20 -14.86 16.31
N GLY B 265 -29.45 -13.64 16.76
CA GLY B 265 -30.67 -12.90 16.44
C GLY B 265 -31.03 -12.93 14.97
N TYR B 266 -30.07 -12.71 14.10
CA TYR B 266 -30.33 -12.66 12.68
C TYR B 266 -30.77 -14.00 12.14
N LEU B 267 -30.35 -15.08 12.80
CA LEU B 267 -30.64 -16.43 12.32
C LEU B 267 -31.99 -16.89 12.82
N ILE B 268 -32.29 -16.54 14.06
CA ILE B 268 -33.59 -16.81 14.65
C ILE B 268 -34.69 -16.10 13.82
N ASN B 269 -34.45 -14.86 13.40
CA ASN B 269 -35.46 -14.08 12.66
C ASN B 269 -34.85 -12.87 11.91
N PRO B 270 -34.56 -13.03 10.62
CA PRO B 270 -33.86 -12.01 9.87
C PRO B 270 -34.65 -10.70 9.73
N ASP B 271 -35.95 -10.75 10.01
CA ASP B 271 -36.84 -9.59 9.83
C ASP B 271 -36.66 -8.55 10.94
N GLY B 272 -35.97 -8.92 12.02
CA GLY B 272 -35.69 -7.91 13.05
C GLY B 272 -34.52 -7.01 12.67
N ILE B 273 -33.82 -7.38 11.60
CA ILE B 273 -32.63 -6.66 11.15
C ILE B 273 -32.72 -6.25 9.66
N LYS B 274 -32.57 -4.95 9.37
CA LYS B 274 -32.54 -4.47 7.97
C LYS B 274 -31.13 -4.58 7.40
N THR B 275 -30.99 -5.24 6.25
CA THR B 275 -29.69 -5.30 5.58
C THR B 275 -29.73 -4.67 4.20
N GLN B 276 -28.56 -4.31 3.70
CA GLN B 276 -28.43 -3.78 2.36
C GLN B 276 -27.27 -4.49 1.74
N GLU B 277 -27.50 -5.00 0.54
CA GLU B 277 -26.49 -5.71 -0.23
C GLU B 277 -25.47 -4.71 -0.74
N MET B 278 -24.18 -5.03 -0.56
CA MET B 278 -23.08 -4.15 -1.00
C MET B 278 -21.88 -4.96 -1.49
N TYR B 279 -21.13 -4.40 -2.45
CA TYR B 279 -19.79 -4.87 -2.74
C TYR B 279 -18.88 -4.43 -1.56
N VAL B 280 -18.33 -5.40 -0.84
CA VAL B 280 -17.37 -5.13 0.25
C VAL B 280 -15.93 -5.59 -0.06
N GLU B 281 -14.97 -4.72 0.20
CA GLU B 281 -13.56 -5.06 0.04
C GLU B 281 -12.77 -4.82 1.33
N VAL B 282 -11.93 -5.77 1.72
CA VAL B 282 -11.06 -5.59 2.90
C VAL B 282 -9.73 -4.96 2.46
N ASP B 283 -9.37 -3.86 3.13
CA ASP B 283 -8.08 -3.17 2.94
C ASP B 283 -6.97 -3.82 3.80
N VAL B 284 -5.98 -4.42 3.12
CA VAL B 284 -4.79 -5.01 3.78
C VAL B 284 -3.54 -4.11 3.64
N ASN B 285 -3.68 -2.89 3.11
CA ASN B 285 -2.56 -1.94 3.20
C ASN B 285 -2.18 -1.64 4.68
N SER B 286 -0.89 -1.75 5.01
CA SER B 286 -0.34 -1.08 6.20
C SER B 286 -0.59 0.42 6.04
N GLY B 287 -0.74 1.15 7.16
CA GLY B 287 -1.27 2.51 7.09
C GLY B 287 -2.64 2.72 7.72
N PRO B 288 -3.24 3.91 7.50
CA PRO B 288 -4.39 4.38 8.30
C PRO B 288 -5.70 3.61 8.12
N CYS B 289 -5.77 2.73 7.10
CA CYS B 289 -6.98 1.95 6.80
C CYS B 289 -6.76 0.44 6.82
N TYR B 290 -5.65 0.01 7.43
CA TYR B 290 -5.37 -1.44 7.66
C TYR B 290 -6.52 -2.07 8.42
N GLY B 291 -7.16 -3.05 7.78
CA GLY B 291 -8.26 -3.79 8.36
C GLY B 291 -9.59 -3.09 8.18
N ARG B 292 -9.67 -2.10 7.30
CA ARG B 292 -10.98 -1.50 6.97
C ARG B 292 -11.80 -2.42 6.06
N THR B 293 -13.10 -2.62 6.37
CA THR B 293 -14.03 -3.14 5.37
C THR B 293 -14.56 -1.94 4.60
N VAL B 294 -14.27 -1.89 3.31
CA VAL B 294 -14.72 -0.78 2.49
C VAL B 294 -16.02 -1.24 1.84
N CYS B 295 -17.12 -0.64 2.28
CA CYS B 295 -18.47 -0.99 1.77
C CYS B 295 -19.03 0.03 0.79
N ASP B 296 -19.45 -0.45 -0.38
CA ASP B 296 -19.90 0.40 -1.47
C ASP B 296 -21.40 0.64 -1.35
N GLU B 297 -21.75 1.50 -0.40
CA GLU B 297 -23.13 1.89 -0.11
C GLU B 297 -23.94 2.29 -1.30
N LEU B 298 -23.36 3.11 -2.17
CA LEU B 298 -24.11 3.72 -3.27
C LEU B 298 -23.93 3.01 -4.59
N GLY B 299 -23.10 1.95 -4.58
CA GLY B 299 -22.85 1.14 -5.79
C GLY B 299 -22.07 1.86 -6.87
N VAL B 300 -21.18 2.79 -6.48
CA VAL B 300 -20.41 3.58 -7.48
C VAL B 300 -19.33 2.80 -8.24
N LEU B 301 -18.90 1.65 -7.69
CA LEU B 301 -17.88 0.85 -8.38
C LEU B 301 -18.40 0.00 -9.53
N GLY B 302 -19.72 -0.25 -9.56
CA GLY B 302 -20.35 -1.14 -10.55
C GLY B 302 -19.90 -2.59 -10.42
N LYS B 303 -19.65 -3.03 -9.19
CA LYS B 303 -19.25 -4.40 -8.95
C LYS B 303 -20.43 -5.07 -8.26
N PRO B 304 -20.66 -6.35 -8.56
CA PRO B 304 -21.79 -7.04 -7.91
C PRO B 304 -21.59 -7.22 -6.39
N ALA B 305 -22.67 -7.11 -5.61
CA ALA B 305 -22.59 -7.25 -4.15
C ALA B 305 -22.08 -8.61 -3.73
N ASN B 306 -21.34 -8.65 -2.63
CA ASN B 306 -20.88 -9.94 -2.11
C ASN B 306 -21.30 -10.12 -0.66
N THR B 307 -21.98 -9.13 -0.09
CA THR B 307 -22.29 -9.11 1.34
C THR B 307 -23.61 -8.44 1.62
N LYS B 308 -24.38 -9.02 2.53
CA LYS B 308 -25.55 -8.35 3.13
C LYS B 308 -25.09 -7.63 4.38
N VAL B 309 -25.10 -6.28 4.33
CA VAL B 309 -24.54 -5.48 5.41
C VAL B 309 -25.64 -5.02 6.41
N GLY B 310 -25.41 -5.23 7.70
CA GLY B 310 -26.37 -4.78 8.72
C GLY B 310 -26.53 -3.25 8.76
N ILE B 311 -27.78 -2.79 8.62
CA ILE B 311 -28.08 -1.34 8.64
C ILE B 311 -28.79 -0.95 9.93
N THR B 312 -29.94 -1.56 10.22
CA THR B 312 -30.72 -1.27 11.44
C THR B 312 -31.28 -2.53 12.10
N ILE B 313 -31.42 -2.45 13.42
CA ILE B 313 -31.97 -3.51 14.24
C ILE B 313 -33.15 -2.97 15.09
N ASP B 314 -34.23 -3.73 15.11
CA ASP B 314 -35.32 -3.50 16.05
C ASP B 314 -34.93 -3.91 17.50
N THR B 315 -34.59 -2.93 18.35
CA THR B 315 -34.10 -3.26 19.70
C THR B 315 -35.17 -3.84 20.62
N ASP B 316 -36.45 -3.56 20.36
CA ASP B 316 -37.56 -4.17 21.11
C ASP B 316 -37.70 -5.65 20.80
N TRP B 317 -37.75 -5.98 19.52
CA TRP B 317 -37.72 -7.38 19.09
C TRP B 317 -36.53 -8.12 19.71
N PHE B 318 -35.37 -7.47 19.68
CA PHE B 318 -34.09 -8.11 20.01
C PHE B 318 -33.95 -8.42 21.47
N TRP B 319 -34.20 -7.42 22.31
CA TRP B 319 -34.13 -7.62 23.76
C TRP B 319 -35.17 -8.64 24.23
N GLY B 320 -36.30 -8.68 23.51
CA GLY B 320 -37.35 -9.65 23.77
C GLY B 320 -36.80 -11.03 23.53
N LEU B 321 -36.01 -11.13 22.46
CA LEU B 321 -35.40 -12.40 22.12
C LEU B 321 -34.35 -12.82 23.13
N VAL B 322 -33.58 -11.86 23.63
CA VAL B 322 -32.56 -12.17 24.67
C VAL B 322 -33.26 -12.78 25.89
N GLU B 323 -34.29 -12.10 26.37
CA GLU B 323 -35.09 -12.55 27.51
C GLU B 323 -35.67 -13.96 27.32
N GLU B 324 -36.27 -14.20 26.15
CA GLU B 324 -36.77 -15.52 25.76
C GLU B 324 -35.74 -16.65 25.94
N CYS B 325 -34.51 -16.38 25.52
CA CYS B 325 -33.39 -17.30 25.73
C CYS B 325 -32.94 -17.40 27.19
N VAL B 326 -32.88 -16.27 27.89
CA VAL B 326 -32.46 -16.27 29.27
C VAL B 326 -33.37 -17.20 30.08
N ARG B 327 -34.64 -17.24 29.66
CA ARG B 327 -35.73 -17.94 30.36
C ARG B 327 -35.72 -19.43 30.15
N GLY B 328 -35.32 -19.85 28.95
CA GLY B 328 -35.07 -21.27 28.66
C GLY B 328 -34.13 -21.99 29.64
N TYR B 329 -33.43 -21.24 30.51
CA TYR B 329 -32.45 -21.81 31.43
C TYR B 329 -32.98 -22.00 32.86
N ILE B 330 -34.29 -21.86 33.07
CA ILE B 330 -34.88 -22.08 34.40
C ILE B 330 -35.53 -23.48 34.52
N LYS C 23 27.25 20.74 -30.45
CA LYS C 23 26.90 21.29 -29.09
C LYS C 23 25.51 20.89 -28.57
N ARG C 24 25.48 20.22 -27.40
CA ARG C 24 24.21 19.90 -26.73
C ARG C 24 23.82 20.96 -25.68
N LYS C 25 22.71 21.66 -25.95
CA LYS C 25 22.14 22.65 -25.03
C LYS C 25 21.57 21.91 -23.81
N ILE C 26 21.99 22.33 -22.60
CA ILE C 26 21.49 21.72 -21.38
C ILE C 26 21.01 22.74 -20.35
N ILE C 27 20.11 22.27 -19.49
CA ILE C 27 19.80 22.95 -18.23
C ILE C 27 20.26 21.99 -17.12
N LEU C 28 21.17 22.43 -16.27
CA LEU C 28 21.66 21.57 -15.20
C LEU C 28 20.92 21.85 -13.91
N ASP C 29 20.17 20.87 -13.43
CA ASP C 29 19.38 21.01 -12.21
C ASP C 29 20.11 20.21 -11.15
N CYS C 30 20.41 20.83 -9.99
CA CYS C 30 21.34 20.23 -9.07
C CYS C 30 21.25 20.75 -7.65
N ASP C 31 21.87 20.02 -6.72
CA ASP C 31 21.77 20.32 -5.27
C ASP C 31 23.14 20.32 -4.58
N PRO C 32 24.05 21.24 -5.00
CA PRO C 32 25.44 21.04 -4.65
C PRO C 32 25.73 21.11 -3.13
N GLY C 33 26.49 20.13 -2.61
CA GLY C 33 26.87 18.93 -3.36
C GLY C 33 28.26 18.83 -4.01
N HIS C 34 29.08 17.93 -3.45
CA HIS C 34 30.44 17.71 -3.90
C HIS C 34 30.55 17.28 -5.36
N ASP C 35 29.81 16.24 -5.75
CA ASP C 35 29.90 15.79 -7.14
C ASP C 35 29.08 16.66 -8.07
N ASP C 36 28.06 17.34 -7.54
CA ASP C 36 27.36 18.34 -8.31
C ASP C 36 28.34 19.42 -8.71
N ALA C 37 29.19 19.80 -7.78
CA ALA C 37 30.19 20.81 -8.08
C ALA C 37 31.08 20.40 -9.28
N ILE C 38 31.51 19.12 -9.32
CA ILE C 38 32.34 18.56 -10.44
C ILE C 38 31.57 18.60 -11.77
N ALA C 39 30.27 18.27 -11.70
CA ALA C 39 29.38 18.33 -12.87
C ALA C 39 29.27 19.77 -13.40
N ILE C 40 29.07 20.73 -12.50
CA ILE C 40 29.04 22.16 -12.89
C ILE C 40 30.36 22.53 -13.59
N MET C 41 31.48 22.11 -12.98
CA MET C 41 32.82 22.37 -13.53
C MET C 41 32.98 21.84 -14.95
N MET C 42 32.57 20.61 -15.20
CA MET C 42 32.69 20.01 -16.52
C MET C 42 31.76 20.60 -17.58
N ALA C 43 30.47 20.71 -17.25
CA ALA C 43 29.42 21.24 -18.14
C ALA C 43 29.70 22.67 -18.59
N ALA C 44 30.20 23.48 -17.66
CA ALA C 44 30.49 24.88 -17.99
C ALA C 44 31.66 25.05 -18.96
N LYS C 45 32.54 24.04 -19.04
CA LYS C 45 33.83 24.16 -19.76
C LYS C 45 33.91 23.42 -21.11
N HIS C 46 33.30 22.24 -21.21
CA HIS C 46 33.44 21.48 -22.43
C HIS C 46 32.76 22.09 -23.67
N PRO C 47 33.49 22.22 -24.79
CA PRO C 47 32.92 22.74 -26.06
C PRO C 47 31.73 21.96 -26.62
N ALA C 48 31.54 20.71 -26.22
CA ALA C 48 30.40 19.93 -26.70
C ALA C 48 29.11 20.16 -25.86
N ILE C 49 29.21 20.96 -24.79
CA ILE C 49 28.06 21.32 -23.94
C ILE C 49 27.80 22.85 -23.99
N ASP C 50 26.55 23.23 -24.27
CA ASP C 50 26.09 24.62 -24.19
C ASP C 50 25.24 24.76 -22.91
N LEU C 51 25.87 25.20 -21.82
CA LEU C 51 25.19 25.28 -20.55
C LEU C 51 24.36 26.57 -20.45
N LEU C 52 23.04 26.42 -20.66
CA LEU C 52 22.09 27.56 -20.72
C LEU C 52 21.87 28.15 -19.37
N GLY C 53 21.84 27.31 -18.33
CA GLY C 53 21.63 27.83 -16.98
C GLY C 53 21.64 26.75 -15.94
N ILE C 54 21.80 27.14 -14.68
CA ILE C 54 21.75 26.19 -13.55
C ILE C 54 20.55 26.45 -12.65
N THR C 55 19.76 25.41 -12.41
CA THR C 55 18.64 25.46 -11.48
C THR C 55 18.99 24.68 -10.22
N ILE C 56 18.65 25.19 -9.05
CA ILE C 56 19.02 24.58 -7.79
C ILE C 56 17.77 23.97 -7.11
N VAL C 57 17.94 22.79 -6.50
CA VAL C 57 16.89 22.12 -5.75
C VAL C 57 17.41 21.75 -4.32
N ALA C 58 16.57 21.80 -3.30
CA ALA C 58 16.95 21.24 -2.00
C ALA C 58 17.25 19.74 -2.20
N GLY C 59 18.21 19.23 -1.46
CA GLY C 59 18.54 17.79 -1.49
C GLY C 59 19.59 17.42 -0.47
N ASN C 60 20.83 17.30 -0.98
CA ASN C 60 22.04 17.13 -0.14
C ASN C 60 21.96 17.98 1.16
N GLN C 61 21.51 19.23 1.00
CA GLN C 61 21.26 20.15 2.11
C GLN C 61 20.03 20.99 1.75
N THR C 62 19.54 21.79 2.70
CA THR C 62 18.41 22.71 2.52
C THR C 62 18.71 23.71 1.43
N LEU C 63 17.68 24.22 0.75
CA LEU C 63 17.91 25.09 -0.42
C LEU C 63 18.76 26.35 -0.12
N ASP C 64 18.64 26.92 1.09
CA ASP C 64 19.47 28.09 1.43
C ASP C 64 20.97 27.78 1.27
N LYS C 65 21.35 26.58 1.71
CA LYS C 65 22.72 26.06 1.65
C LYS C 65 23.18 25.61 0.29
N THR C 66 22.37 24.81 -0.43
CA THR C 66 22.69 24.34 -1.79
C THR C 66 22.83 25.50 -2.76
N LEU C 67 21.99 26.51 -2.61
CA LEU C 67 22.07 27.72 -3.43
C LEU C 67 23.41 28.45 -3.26
N ILE C 68 23.81 28.69 -2.02
CA ILE C 68 25.13 29.30 -1.70
C ILE C 68 26.33 28.47 -2.24
N ASN C 69 26.37 27.16 -1.95
CA ASN C 69 27.35 26.24 -2.56
C ASN C 69 27.39 26.41 -4.09
N GLY C 70 26.24 26.36 -4.75
CA GLY C 70 26.18 26.53 -6.22
C GLY C 70 26.75 27.85 -6.66
N LEU C 71 26.39 28.93 -5.94
CA LEU C 71 26.90 30.29 -6.28
C LEU C 71 28.45 30.38 -6.09
N ASN C 72 28.92 29.86 -4.96
CA ASN C 72 30.33 29.79 -4.66
C ASN C 72 31.15 29.06 -5.73
N VAL C 73 30.63 27.94 -6.25
CA VAL C 73 31.35 27.14 -7.27
C VAL C 73 31.57 27.99 -8.52
N CYS C 74 30.48 28.57 -9.01
CA CYS C 74 30.48 29.44 -10.19
C CYS C 74 31.35 30.70 -10.01
N GLN C 75 31.29 31.30 -8.82
CA GLN C 75 32.13 32.48 -8.50
C GLN C 75 33.63 32.13 -8.51
N LYS C 76 34.01 31.10 -7.74
CA LYS C 76 35.39 30.60 -7.72
C LYS C 76 35.94 30.27 -9.09
N LEU C 77 35.14 29.62 -9.92
CA LEU C 77 35.62 29.16 -11.22
C LEU C 77 35.36 30.19 -12.27
N GLU C 78 34.81 31.35 -11.86
CA GLU C 78 34.43 32.43 -12.80
C GLU C 78 33.61 31.89 -13.96
N ILE C 79 32.56 31.14 -13.61
CA ILE C 79 31.55 30.69 -14.57
C ILE C 79 30.43 31.76 -14.70
N ASN C 80 30.14 32.13 -15.95
CA ASN C 80 29.14 33.15 -16.18
C ASN C 80 27.86 32.57 -16.78
N VAL C 81 27.05 32.04 -15.87
CA VAL C 81 25.86 31.31 -16.20
C VAL C 81 24.85 31.70 -15.12
N PRO C 82 23.60 32.03 -15.55
CA PRO C 82 22.53 32.36 -14.61
C PRO C 82 22.23 31.20 -13.69
N VAL C 83 22.13 31.47 -12.39
CA VAL C 83 21.69 30.52 -11.37
C VAL C 83 20.28 30.88 -10.87
N TYR C 84 19.38 29.89 -10.81
CA TYR C 84 18.01 30.08 -10.36
C TYR C 84 17.69 29.15 -9.18
N ALA C 85 17.13 29.70 -8.10
CA ALA C 85 16.63 28.91 -6.98
C ALA C 85 15.25 28.28 -7.28
N GLY C 86 15.07 27.00 -6.94
CA GLY C 86 13.84 26.27 -7.21
C GLY C 86 13.17 25.77 -5.96
N MET C 87 12.82 24.49 -5.91
CA MET C 87 12.01 23.94 -4.79
C MET C 87 12.83 23.78 -3.50
N PRO C 88 12.42 24.38 -2.38
CA PRO C 88 13.11 24.09 -1.13
C PRO C 88 12.62 22.83 -0.42
N GLN C 89 11.68 22.10 -1.04
CA GLN C 89 11.04 20.96 -0.40
C GLN C 89 10.57 20.00 -1.46
N PRO C 90 10.43 18.70 -1.13
CA PRO C 90 9.86 17.73 -2.07
C PRO C 90 8.33 17.94 -2.25
N ILE C 91 7.75 17.38 -3.32
CA ILE C 91 6.36 17.68 -3.63
C ILE C 91 5.39 17.17 -2.53
N MET C 92 5.74 16.11 -1.77
CA MET C 92 4.77 15.55 -0.81
C MET C 92 5.39 15.04 0.49
N ARG C 93 6.55 14.37 0.41
CA ARG C 93 7.05 13.69 1.61
C ARG C 93 7.67 14.66 2.59
N GLN C 94 7.93 14.16 3.80
CA GLN C 94 8.76 14.84 4.80
C GLN C 94 10.21 14.91 4.34
N GLN C 95 10.78 16.10 4.34
CA GLN C 95 12.10 16.34 3.82
C GLN C 95 13.18 15.53 4.56
N ILE C 96 14.21 15.15 3.81
CA ILE C 96 15.39 14.53 4.38
C ILE C 96 16.61 15.21 3.74
N VAL C 97 17.74 15.27 4.45
CA VAL C 97 19.03 15.70 3.83
C VAL C 97 20.12 14.59 3.87
N ALA C 98 21.28 14.86 3.24
CA ALA C 98 22.40 13.90 3.20
C ALA C 98 23.00 13.59 4.60
N THR C 105 27.33 22.40 5.73
CA THR C 105 27.15 23.29 4.60
C THR C 105 26.88 22.53 3.30
N GLY C 106 26.93 21.20 3.40
CA GLY C 106 26.68 20.32 2.25
C GLY C 106 27.74 20.35 1.16
N LEU C 107 28.81 21.14 1.37
CA LEU C 107 30.00 21.22 0.51
C LEU C 107 31.21 21.63 1.35
N ASP C 108 31.51 20.86 2.39
CA ASP C 108 32.68 21.12 3.22
C ASP C 108 33.95 20.83 2.42
N GLY C 109 35.00 21.61 2.69
CA GLY C 109 36.28 21.42 2.03
C GLY C 109 36.88 22.71 1.51
N PRO C 110 36.53 23.11 0.27
CA PRO C 110 37.08 24.34 -0.30
C PRO C 110 36.76 25.61 0.51
N VAL C 111 37.67 26.59 0.47
CA VAL C 111 37.47 27.87 1.16
C VAL C 111 37.08 28.95 0.17
N PHE C 112 36.00 29.67 0.49
CA PHE C 112 35.38 30.62 -0.42
C PHE C 112 35.43 32.06 0.10
N GLU C 113 35.81 32.99 -0.78
CA GLU C 113 35.62 34.42 -0.53
C GLU C 113 34.15 34.77 -0.23
N PRO C 114 33.88 35.93 0.42
CA PRO C 114 32.51 36.41 0.51
C PRO C 114 31.80 36.51 -0.85
N LEU C 115 30.52 36.16 -0.82
CA LEU C 115 29.75 35.90 -2.02
C LEU C 115 29.32 37.20 -2.69
N THR C 116 29.64 37.38 -3.98
CA THR C 116 29.33 38.66 -4.66
C THR C 116 28.30 38.56 -5.80
N ARG C 117 27.73 37.37 -5.97
CA ARG C 117 26.66 37.18 -6.95
C ARG C 117 25.48 36.55 -6.24
N GLN C 118 24.29 36.69 -6.82
CA GLN C 118 23.07 36.13 -6.20
C GLN C 118 22.26 35.35 -7.27
N ALA C 119 21.23 34.66 -6.81
CA ALA C 119 20.28 33.98 -7.66
C ALA C 119 19.61 35.02 -8.57
N GLU C 120 19.14 34.61 -9.75
CA GLU C 120 18.27 35.48 -10.55
C GLU C 120 16.98 35.72 -9.76
N SER C 121 16.13 36.65 -10.21
CA SER C 121 14.86 36.82 -9.50
C SER C 121 13.83 35.70 -9.80
N THR C 122 13.73 35.32 -11.09
CA THR C 122 12.83 34.27 -11.58
C THR C 122 13.00 32.92 -10.86
N HIS C 123 11.88 32.30 -10.48
CA HIS C 123 11.93 31.00 -9.81
C HIS C 123 12.36 29.95 -10.83
N ALA C 124 13.06 28.92 -10.37
CA ALA C 124 13.68 27.92 -11.23
C ALA C 124 12.62 27.22 -12.09
N VAL C 125 11.46 26.94 -11.48
CA VAL C 125 10.36 26.19 -12.16
C VAL C 125 9.86 26.97 -13.36
N LYS C 126 9.70 28.28 -13.15
CA LYS C 126 9.22 29.16 -14.20
C LYS C 126 10.26 29.27 -15.31
N TYR C 127 11.51 29.48 -14.91
CA TYR C 127 12.59 29.48 -15.85
C TYR C 127 12.60 28.25 -16.75
N ILE C 128 12.39 27.08 -16.15
CA ILE C 128 12.45 25.82 -16.89
C ILE C 128 11.33 25.76 -17.91
N ILE C 129 10.14 26.17 -17.49
CA ILE C 129 8.95 26.17 -18.32
C ILE C 129 9.09 27.14 -19.53
N ASP C 130 9.44 28.40 -19.22
CA ASP C 130 9.53 29.45 -20.24
C ASP C 130 10.61 29.15 -21.27
N THR C 131 11.76 28.71 -20.79
CA THR C 131 12.89 28.39 -21.65
C THR C 131 12.54 27.24 -22.58
N LEU C 132 11.90 26.20 -22.05
CA LEU C 132 11.48 25.06 -22.88
C LEU C 132 10.40 25.46 -23.89
N MET C 133 9.38 26.18 -23.45
CA MET C 133 8.29 26.64 -24.33
C MET C 133 8.81 27.54 -25.50
N ALA C 134 9.65 28.53 -25.19
CA ALA C 134 10.30 29.39 -26.18
C ALA C 134 11.26 28.65 -27.14
N SER C 135 11.70 27.45 -26.75
CA SER C 135 12.75 26.75 -27.46
C SER C 135 12.25 26.05 -28.73
N ASP C 136 13.18 25.41 -29.43
CA ASP C 136 12.87 24.68 -30.65
C ASP C 136 12.83 23.15 -30.40
N GLY C 137 12.81 22.75 -29.11
CA GLY C 137 12.73 21.33 -28.74
C GLY C 137 14.08 20.61 -28.71
N ASP C 138 15.16 21.34 -28.52
CA ASP C 138 16.48 20.75 -28.58
C ASP C 138 17.26 20.83 -27.28
N ILE C 139 16.60 21.24 -26.20
CA ILE C 139 17.29 21.36 -24.94
C ILE C 139 17.12 20.04 -24.17
N THR C 140 18.22 19.58 -23.59
CA THR C 140 18.23 18.38 -22.75
C THR C 140 18.28 18.84 -21.29
N LEU C 141 17.47 18.21 -20.43
CA LEU C 141 17.50 18.53 -19.01
C LEU C 141 18.43 17.53 -18.37
N VAL C 142 19.22 17.99 -17.40
CA VAL C 142 20.16 17.14 -16.76
C VAL C 142 19.97 17.31 -15.23
N PRO C 143 19.05 16.52 -14.64
CA PRO C 143 18.85 16.55 -13.21
C PRO C 143 19.75 15.59 -12.45
N VAL C 144 20.39 16.11 -11.43
CA VAL C 144 21.33 15.34 -10.65
C VAL C 144 21.15 15.54 -9.14
N GLY C 145 19.95 15.98 -8.76
CA GLY C 145 19.46 16.04 -7.38
C GLY C 145 18.06 15.38 -7.35
N PRO C 146 17.32 15.49 -6.22
CA PRO C 146 15.90 15.06 -6.27
C PRO C 146 15.16 15.81 -7.38
N LEU C 147 14.02 15.25 -7.82
CA LEU C 147 13.38 15.69 -9.09
C LEU C 147 12.23 16.68 -8.90
N SER C 148 12.22 17.39 -7.76
CA SER C 148 11.14 18.32 -7.43
C SER C 148 10.91 19.39 -8.50
N ASN C 149 11.98 20.04 -8.99
CA ASN C 149 11.81 21.12 -9.96
C ASN C 149 11.20 20.57 -11.26
N ILE C 150 11.60 19.36 -11.61
CA ILE C 150 11.27 18.76 -12.90
C ILE C 150 9.78 18.35 -12.92
N ALA C 151 9.36 17.69 -11.83
CA ALA C 151 7.99 17.26 -11.64
C ALA C 151 7.00 18.44 -11.52
N VAL C 152 7.36 19.46 -10.76
CA VAL C 152 6.53 20.66 -10.66
C VAL C 152 6.32 21.35 -12.01
N ALA C 153 7.40 21.59 -12.75
CA ALA C 153 7.29 22.11 -14.12
C ALA C 153 6.46 21.25 -15.07
N MET C 154 6.69 19.94 -15.07
CA MET C 154 5.97 19.03 -15.97
C MET C 154 4.44 19.05 -15.76
N ARG C 155 4.05 19.16 -14.49
CA ARG C 155 2.64 19.17 -14.09
C ARG C 155 2.07 20.56 -14.18
N MET C 156 2.93 21.57 -14.02
CA MET C 156 2.48 22.96 -14.07
C MET C 156 2.18 23.36 -15.53
N GLN C 157 3.00 22.88 -16.44
CA GLN C 157 2.83 23.14 -17.85
C GLN C 157 3.19 21.85 -18.61
N PRO C 158 2.21 20.97 -18.76
CA PRO C 158 2.42 19.72 -19.52
C PRO C 158 2.87 19.88 -20.96
N ALA C 159 2.67 21.06 -21.54
CA ALA C 159 3.07 21.29 -22.93
C ALA C 159 4.61 21.33 -23.16
N ILE C 160 5.40 21.52 -22.09
CA ILE C 160 6.89 21.40 -22.17
C ILE C 160 7.34 19.99 -22.60
N LEU C 161 6.50 18.97 -22.39
CA LEU C 161 6.93 17.57 -22.52
C LEU C 161 7.47 17.24 -23.91
N PRO C 162 6.69 17.49 -24.99
CA PRO C 162 7.31 17.23 -26.31
C PRO C 162 8.48 18.17 -26.66
N LYS C 163 8.68 19.25 -25.88
CA LYS C 163 9.77 20.22 -26.06
C LYS C 163 11.11 19.68 -25.54
N ILE C 164 11.05 18.72 -24.61
CA ILE C 164 12.27 18.21 -24.00
C ILE C 164 12.88 17.17 -24.92
N ARG C 165 14.08 17.45 -25.40
CA ARG C 165 14.73 16.50 -26.29
C ARG C 165 15.01 15.16 -25.56
N GLU C 166 15.53 15.24 -24.34
CA GLU C 166 15.90 14.08 -23.58
C GLU C 166 16.10 14.53 -22.15
N ILE C 167 15.95 13.60 -21.20
CA ILE C 167 16.38 13.83 -19.82
C ILE C 167 17.48 12.83 -19.46
N VAL C 168 18.67 13.34 -19.17
CA VAL C 168 19.76 12.50 -18.69
C VAL C 168 19.92 12.79 -17.21
N LEU C 169 19.52 11.82 -16.36
CA LEU C 169 19.46 12.06 -14.91
C LEU C 169 20.44 11.21 -14.11
N MET C 170 20.91 11.72 -12.97
CA MET C 170 21.63 10.86 -11.98
C MET C 170 20.61 10.46 -10.88
N GLY C 171 20.38 9.15 -10.74
CA GLY C 171 19.45 8.65 -9.76
C GLY C 171 19.10 7.18 -9.95
N GLY C 172 18.60 6.56 -8.89
CA GLY C 172 18.13 5.20 -8.96
C GLY C 172 19.24 4.16 -8.89
N ALA C 173 18.82 2.90 -8.92
CA ALA C 173 19.73 1.79 -8.87
C ALA C 173 18.92 0.59 -9.26
N TYR C 174 19.43 -0.23 -10.17
CA TYR C 174 18.69 -1.45 -10.46
C TYR C 174 19.02 -2.53 -9.42
N GLY C 175 20.18 -2.38 -8.76
CA GLY C 175 20.60 -3.30 -7.70
C GLY C 175 20.28 -2.75 -6.32
N THR C 176 21.32 -2.55 -5.52
CA THR C 176 21.22 -2.03 -4.15
C THR C 176 21.28 -0.52 -4.22
N GLY C 177 20.52 0.16 -3.35
CA GLY C 177 20.48 1.61 -3.31
C GLY C 177 21.55 2.04 -2.34
N ASN C 178 21.54 3.30 -1.94
CA ASN C 178 22.51 3.74 -0.94
C ASN C 178 21.87 4.18 0.37
N PHE C 179 20.94 5.12 0.29
CA PHE C 179 20.26 5.66 1.46
C PHE C 179 19.45 4.58 2.16
N THR C 180 18.82 3.73 1.35
CA THR C 180 18.20 2.51 1.89
C THR C 180 18.66 1.33 1.02
N PRO C 181 18.44 0.08 1.47
CA PRO C 181 18.77 -1.07 0.62
C PRO C 181 18.08 -1.00 -0.75
N SER C 182 16.95 -0.32 -0.80
CA SER C 182 16.08 -0.27 -1.95
C SER C 182 16.22 0.98 -2.85
N ALA C 183 16.58 2.10 -2.23
CA ALA C 183 16.52 3.39 -2.87
C ALA C 183 17.81 4.22 -2.83
N GLU C 184 18.07 4.89 -3.94
CA GLU C 184 19.15 5.84 -4.13
C GLU C 184 18.65 7.21 -3.64
N PHE C 185 19.55 8.03 -3.10
CA PHE C 185 19.17 9.26 -2.39
C PHE C 185 18.26 10.23 -3.17
N ASN C 186 18.63 10.56 -4.41
CA ASN C 186 17.83 11.46 -5.21
C ASN C 186 16.39 11.03 -5.43
N ILE C 187 16.16 9.72 -5.61
CA ILE C 187 14.79 9.24 -5.78
C ILE C 187 14.11 9.15 -4.41
N PHE C 188 14.81 8.61 -3.42
CA PHE C 188 14.27 8.47 -2.07
C PHE C 188 13.80 9.82 -1.49
N ALA C 189 14.41 10.89 -1.95
CA ALA C 189 14.20 12.21 -1.39
C ALA C 189 12.97 12.89 -1.91
N ASP C 190 12.47 12.40 -3.02
CA ASP C 190 11.18 12.80 -3.56
C ASP C 190 10.69 11.70 -4.53
N PRO C 191 10.12 10.59 -4.00
CA PRO C 191 9.64 9.47 -4.86
C PRO C 191 8.49 9.84 -5.82
N GLU C 192 7.61 10.71 -5.34
CA GLU C 192 6.44 11.17 -6.05
C GLU C 192 6.85 12.05 -7.23
N ALA C 193 7.74 13.00 -6.97
CA ALA C 193 8.43 13.71 -8.07
C ALA C 193 9.07 12.74 -9.09
N ALA C 194 9.73 11.68 -8.59
CA ALA C 194 10.36 10.70 -9.47
C ALA C 194 9.35 9.95 -10.31
N ARG C 195 8.25 9.53 -9.69
CA ARG C 195 7.13 8.93 -10.41
C ARG C 195 6.64 9.77 -11.60
N VAL C 196 6.50 11.08 -11.41
CA VAL C 196 6.07 11.97 -12.49
C VAL C 196 7.08 11.90 -13.66
N VAL C 197 8.36 12.05 -13.35
CA VAL C 197 9.37 12.01 -14.40
C VAL C 197 9.34 10.68 -15.18
N PHE C 198 9.23 9.58 -14.44
CA PHE C 198 9.32 8.25 -15.08
C PHE C 198 8.10 7.88 -15.93
N THR C 199 6.96 8.53 -15.67
CA THR C 199 5.75 8.29 -16.43
C THR C 199 5.48 9.42 -17.44
N SER C 200 6.42 10.35 -17.56
CA SER C 200 6.30 11.48 -18.50
C SER C 200 6.32 11.13 -20.01
N GLY C 201 6.88 9.99 -20.40
CA GLY C 201 6.96 9.64 -21.83
C GLY C 201 8.08 10.34 -22.62
N VAL C 202 8.81 11.22 -21.94
CA VAL C 202 10.01 11.88 -22.49
C VAL C 202 11.17 10.85 -22.53
N PRO C 203 12.05 10.90 -23.56
CA PRO C 203 13.23 10.02 -23.55
C PRO C 203 14.12 10.20 -22.30
N LEU C 204 14.40 9.09 -21.60
CA LEU C 204 15.14 9.16 -20.35
C LEU C 204 16.40 8.34 -20.46
N VAL C 205 17.46 8.88 -19.85
CA VAL C 205 18.68 8.13 -19.62
C VAL C 205 18.97 8.19 -18.10
N MET C 206 19.16 7.01 -17.50
CA MET C 206 19.37 6.98 -16.07
C MET C 206 20.78 6.48 -15.76
N MET C 207 21.57 7.35 -15.15
CA MET C 207 22.84 6.95 -14.61
C MET C 207 22.60 6.60 -13.15
N GLY C 208 22.46 5.31 -12.83
CA GLY C 208 22.16 4.89 -11.44
C GLY C 208 23.40 4.47 -10.71
N LEU C 209 23.27 4.11 -9.44
CA LEU C 209 24.40 3.67 -8.62
C LEU C 209 25.19 2.46 -9.18
N ASP C 210 24.50 1.61 -9.95
CA ASP C 210 25.12 0.40 -10.59
C ASP C 210 26.23 0.80 -11.52
N LEU C 211 26.03 1.94 -12.19
CA LEU C 211 27.06 2.59 -13.02
C LEU C 211 27.98 3.50 -12.20
N THR C 212 27.42 4.49 -11.51
CA THR C 212 28.22 5.56 -10.89
C THR C 212 29.15 5.07 -9.75
N ASN C 213 28.76 3.97 -9.08
CA ASN C 213 29.65 3.39 -8.05
C ASN C 213 30.97 2.88 -8.63
N GLN C 214 30.99 2.60 -9.94
CA GLN C 214 32.24 2.30 -10.65
C GLN C 214 33.22 3.50 -10.76
N THR C 215 32.73 4.74 -10.59
CA THR C 215 33.61 5.93 -10.75
C THR C 215 34.20 6.45 -9.44
N VAL C 216 34.72 5.51 -8.61
CA VAL C 216 35.33 5.88 -7.32
C VAL C 216 36.58 6.74 -7.50
N CYS C 217 36.65 7.79 -6.68
CA CYS C 217 37.75 8.73 -6.79
C CYS C 217 38.73 8.54 -5.64
N THR C 218 39.77 7.77 -5.96
CA THR C 218 40.81 7.35 -5.04
C THR C 218 41.95 8.39 -4.99
N PRO C 219 42.74 8.41 -3.89
CA PRO C 219 43.86 9.37 -3.76
C PRO C 219 44.69 9.65 -5.04
N ASP C 220 44.96 8.66 -5.87
CA ASP C 220 45.78 8.93 -7.04
C ASP C 220 45.00 9.54 -8.20
N VAL C 221 43.66 9.52 -8.11
CA VAL C 221 42.83 10.24 -9.09
C VAL C 221 42.86 11.75 -8.72
N ILE C 222 42.79 12.01 -7.42
CA ILE C 222 42.88 13.36 -6.87
C ILE C 222 44.24 13.95 -7.18
N ALA C 223 45.29 13.16 -6.96
CA ALA C 223 46.66 13.62 -7.15
C ALA C 223 46.88 13.98 -8.60
N ARG C 224 46.30 13.21 -9.51
CA ARG C 224 46.38 13.48 -10.94
C ARG C 224 45.79 14.86 -11.27
N MET C 225 44.70 15.21 -10.58
CA MET C 225 43.99 16.46 -10.87
C MET C 225 44.78 17.64 -10.30
N GLU C 226 45.26 17.49 -9.06
CA GLU C 226 46.20 18.43 -8.45
C GLU C 226 47.36 18.78 -9.39
N ARG C 227 47.90 17.77 -10.07
CA ARG C 227 49.02 17.91 -11.00
C ARG C 227 48.62 18.77 -12.21
N ALA C 228 47.41 18.58 -12.72
CA ALA C 228 46.88 19.43 -13.80
C ALA C 228 46.73 20.89 -13.31
N GLY C 229 46.41 21.03 -12.02
CA GLY C 229 46.43 22.32 -11.30
C GLY C 229 45.38 23.33 -11.77
N GLY C 230 45.68 24.62 -11.59
CA GLY C 230 44.74 25.70 -11.91
C GLY C 230 43.55 25.70 -10.95
N PRO C 231 42.58 26.61 -11.15
CA PRO C 231 41.51 26.74 -10.14
C PRO C 231 40.57 25.50 -10.04
N ALA C 232 40.34 24.83 -11.17
CA ALA C 232 39.49 23.62 -11.17
C ALA C 232 40.16 22.37 -10.53
N GLY C 233 41.48 22.18 -10.78
CA GLY C 233 42.27 21.11 -10.14
C GLY C 233 42.40 21.29 -8.61
N GLU C 234 42.44 22.54 -8.17
CA GLU C 234 42.55 22.80 -6.74
C GLU C 234 41.22 22.60 -6.04
N LEU C 235 40.15 23.01 -6.73
CA LEU C 235 38.79 22.82 -6.22
C LEU C 235 38.47 21.31 -6.16
N PHE C 236 38.80 20.58 -7.23
CA PHE C 236 38.61 19.11 -7.28
C PHE C 236 39.30 18.43 -6.12
N SER C 237 40.48 18.94 -5.78
CA SER C 237 41.22 18.37 -4.66
C SER C 237 40.53 18.68 -3.34
N ASP C 238 40.10 19.93 -3.16
CA ASP C 238 39.52 20.30 -1.86
C ASP C 238 38.17 19.60 -1.63
N PRO C 257 32.85 8.39 -4.74
CA PRO C 257 32.54 8.28 -6.19
C PRO C 257 31.97 9.58 -6.70
N VAL C 258 31.90 9.74 -8.01
CA VAL C 258 31.54 11.04 -8.56
C VAL C 258 30.34 10.91 -9.50
N HIS C 259 29.18 10.77 -8.86
CA HIS C 259 28.01 10.30 -9.54
C HIS C 259 27.58 11.21 -10.70
N ASP C 260 27.35 12.47 -10.36
CA ASP C 260 26.65 13.42 -11.22
C ASP C 260 27.41 13.84 -12.46
N ALA C 261 28.73 13.87 -12.36
CA ALA C 261 29.62 14.15 -13.49
C ALA C 261 29.45 13.17 -14.68
N THR C 262 29.01 11.93 -14.39
CA THR C 262 28.78 10.92 -15.46
C THR C 262 27.68 11.34 -16.46
N CYS C 263 26.76 12.20 -16.01
CA CYS C 263 25.69 12.68 -16.89
C CYS C 263 26.30 13.61 -17.96
N ILE C 264 27.22 14.47 -17.52
CA ILE C 264 27.95 15.35 -18.46
C ILE C 264 28.78 14.47 -19.40
N GLY C 265 29.58 13.60 -18.79
CA GLY C 265 30.31 12.55 -19.50
C GLY C 265 29.52 11.92 -20.62
N TYR C 266 28.29 11.49 -20.30
CA TYR C 266 27.40 10.79 -21.26
C TYR C 266 27.00 11.67 -22.44
N LEU C 267 26.83 12.97 -22.19
CA LEU C 267 26.48 13.92 -23.24
C LEU C 267 27.68 14.27 -24.14
N ILE C 268 28.82 14.50 -23.50
CA ILE C 268 30.08 14.69 -24.24
C ILE C 268 30.37 13.51 -25.18
N ASN C 269 30.21 12.28 -24.71
CA ASN C 269 30.48 11.07 -25.53
C ASN C 269 29.81 9.79 -24.98
N PRO C 270 28.62 9.43 -25.54
CA PRO C 270 27.83 8.31 -25.03
C PRO C 270 28.55 6.96 -25.14
N ASP C 271 29.57 6.91 -25.97
CA ASP C 271 30.24 5.63 -26.24
C ASP C 271 31.15 5.21 -25.11
N GLY C 272 31.47 6.10 -24.17
CA GLY C 272 32.17 5.68 -22.96
C GLY C 272 31.31 4.91 -21.95
N ILE C 273 29.99 4.99 -22.14
CA ILE C 273 29.01 4.41 -21.23
C ILE C 273 28.13 3.37 -21.97
N LYS C 274 28.11 2.13 -21.46
CA LYS C 274 27.19 1.11 -22.00
C LYS C 274 25.84 1.22 -21.28
N THR C 275 24.76 1.29 -22.06
CA THR C 275 23.42 1.34 -21.49
C THR C 275 22.57 0.21 -22.01
N GLN C 276 21.54 -0.13 -21.25
CA GLN C 276 20.56 -1.12 -21.68
C GLN C 276 19.15 -0.54 -21.51
N GLU C 277 18.33 -0.69 -22.55
CA GLU C 277 16.97 -0.17 -22.51
C GLU C 277 16.11 -1.05 -21.62
N MET C 278 15.31 -0.43 -20.74
CA MET C 278 14.49 -1.20 -19.79
C MET C 278 13.17 -0.51 -19.56
N TYR C 279 12.15 -1.29 -19.18
CA TYR C 279 10.96 -0.71 -18.59
C TYR C 279 11.27 -0.45 -17.13
N VAL C 280 11.25 0.82 -16.73
CA VAL C 280 11.45 1.24 -15.35
C VAL C 280 10.16 1.80 -14.73
N GLU C 281 9.90 1.40 -13.47
CA GLU C 281 8.79 1.91 -12.68
C GLU C 281 9.27 2.37 -11.30
N VAL C 282 8.79 3.55 -10.84
CA VAL C 282 9.13 4.04 -9.48
C VAL C 282 8.12 3.60 -8.43
N ASP C 283 8.61 2.96 -7.39
CA ASP C 283 7.76 2.50 -6.28
C ASP C 283 7.54 3.61 -5.28
N VAL C 284 6.27 3.99 -5.09
CA VAL C 284 5.86 5.05 -4.13
C VAL C 284 5.08 4.47 -2.96
N ASN C 285 5.12 3.15 -2.78
CA ASN C 285 4.58 2.58 -1.56
C ASN C 285 5.46 2.99 -0.37
N SER C 286 4.85 3.52 0.69
CA SER C 286 5.52 3.55 2.00
C SER C 286 5.89 2.10 2.32
N GLY C 287 6.97 1.90 3.06
CA GLY C 287 7.50 0.55 3.31
C GLY C 287 8.92 0.37 2.81
N PRO C 288 9.40 -0.91 2.74
CA PRO C 288 10.82 -1.22 2.49
C PRO C 288 11.36 -0.84 1.12
N CYS C 289 10.49 -0.49 0.16
CA CYS C 289 10.90 -0.19 -1.23
C CYS C 289 10.48 1.20 -1.71
N TYR C 290 10.02 2.04 -0.78
CA TYR C 290 9.71 3.45 -1.05
C TYR C 290 10.88 4.15 -1.80
N GLY C 291 10.59 4.64 -3.02
CA GLY C 291 11.57 5.32 -3.83
C GLY C 291 12.52 4.38 -4.55
N ARG C 292 12.17 3.08 -4.62
CA ARG C 292 12.90 2.17 -5.53
C ARG C 292 12.58 2.43 -7.03
N THR C 293 13.60 2.42 -7.91
CA THR C 293 13.35 2.33 -9.35
C THR C 293 13.40 0.85 -9.70
N VAL C 294 12.27 0.28 -10.07
CA VAL C 294 12.20 -1.14 -10.38
C VAL C 294 12.52 -1.29 -11.84
N CYS C 295 13.68 -1.87 -12.16
CA CYS C 295 14.13 -1.98 -13.57
C CYS C 295 14.00 -3.40 -14.08
N ASP C 296 13.35 -3.54 -15.25
CA ASP C 296 12.98 -4.85 -15.80
C ASP C 296 14.10 -5.30 -16.72
N GLU C 297 15.22 -5.70 -16.11
CA GLU C 297 16.40 -6.24 -16.79
C GLU C 297 16.10 -7.22 -17.93
N LEU C 298 15.28 -8.22 -17.60
CA LEU C 298 15.10 -9.38 -18.46
C LEU C 298 13.87 -9.26 -19.34
N GLY C 299 13.13 -8.18 -19.18
CA GLY C 299 11.92 -7.94 -19.98
C GLY C 299 10.74 -8.84 -19.67
N VAL C 300 10.63 -9.35 -18.44
CA VAL C 300 9.56 -10.32 -18.10
C VAL C 300 8.12 -9.73 -18.04
N LEU C 301 7.99 -8.40 -17.94
CA LEU C 301 6.66 -7.80 -17.87
C LEU C 301 6.05 -7.60 -19.27
N GLY C 302 6.87 -7.69 -20.31
CA GLY C 302 6.41 -7.43 -21.66
C GLY C 302 5.90 -6.02 -21.86
N LYS C 303 6.52 -5.05 -21.21
CA LYS C 303 6.15 -3.63 -21.38
C LYS C 303 7.27 -2.92 -22.13
N PRO C 304 6.92 -1.98 -23.02
CA PRO C 304 7.99 -1.33 -23.77
C PRO C 304 8.93 -0.50 -22.92
N ALA C 305 10.22 -0.52 -23.25
CA ALA C 305 11.23 0.20 -22.47
C ALA C 305 10.91 1.67 -22.39
N ASN C 306 11.22 2.30 -21.28
CA ASN C 306 11.05 3.74 -21.20
C ASN C 306 12.31 4.46 -20.77
N THR C 307 13.38 3.70 -20.53
CA THR C 307 14.64 4.25 -20.01
C THR C 307 15.87 3.54 -20.59
N LYS C 308 16.87 4.31 -20.97
CA LYS C 308 18.21 3.73 -21.16
C LYS C 308 18.95 3.78 -19.82
N VAL C 309 19.26 2.59 -19.29
CA VAL C 309 19.83 2.42 -17.93
C VAL C 309 21.35 2.13 -18.02
N GLY C 310 22.13 2.89 -17.26
CA GLY C 310 23.57 2.76 -17.25
C GLY C 310 24.00 1.43 -16.65
N ILE C 311 24.84 0.72 -17.43
CA ILE C 311 25.38 -0.58 -17.05
C ILE C 311 26.86 -0.51 -16.66
N THR C 312 27.70 -0.07 -17.59
CA THR C 312 29.14 0.08 -17.33
C THR C 312 29.71 1.37 -17.90
N ILE C 313 30.75 1.86 -17.24
CA ILE C 313 31.48 3.04 -17.72
C ILE C 313 32.99 2.74 -17.89
N ASP C 314 33.58 3.18 -19.00
CA ASP C 314 35.03 3.21 -19.21
C ASP C 314 35.73 4.25 -18.33
N THR C 315 36.22 3.86 -17.15
CA THR C 315 36.87 4.82 -16.23
C THR C 315 38.12 5.53 -16.78
N ASP C 316 38.83 4.88 -17.72
CA ASP C 316 39.98 5.53 -18.37
C ASP C 316 39.54 6.71 -19.23
N TRP C 317 38.58 6.47 -20.12
CA TRP C 317 38.00 7.50 -20.94
C TRP C 317 37.48 8.64 -20.07
N PHE C 318 36.83 8.27 -18.97
CA PHE C 318 36.11 9.21 -18.12
C PHE C 318 37.00 10.14 -17.33
N TRP C 319 38.00 9.58 -16.65
CA TRP C 319 38.93 10.39 -15.86
C TRP C 319 39.79 11.28 -16.79
N GLY C 320 39.96 10.82 -18.03
CA GLY C 320 40.68 11.58 -19.06
C GLY C 320 39.86 12.80 -19.38
N LEU C 321 38.55 12.57 -19.44
CA LEU C 321 37.61 13.65 -19.73
C LEU C 321 37.56 14.66 -18.58
N VAL C 322 37.51 14.17 -17.34
CA VAL C 322 37.58 15.08 -16.19
C VAL C 322 38.81 15.98 -16.29
N GLU C 323 40.01 15.38 -16.46
CA GLU C 323 41.28 16.15 -16.58
C GLU C 323 41.20 17.16 -17.72
N GLU C 324 40.71 16.74 -18.87
CA GLU C 324 40.52 17.64 -20.03
C GLU C 324 39.77 18.92 -19.67
N CYS C 325 38.69 18.78 -18.90
CA CYS C 325 37.91 19.91 -18.38
C CYS C 325 38.63 20.70 -17.30
N VAL C 326 39.33 20.01 -16.39
CA VAL C 326 40.07 20.69 -15.33
C VAL C 326 41.06 21.68 -15.99
N ARG C 327 41.56 21.25 -17.17
CA ARG C 327 42.61 21.94 -17.92
C ARG C 327 42.13 23.23 -18.58
N GLY C 328 40.91 23.17 -19.12
CA GLY C 328 40.26 24.35 -19.69
C GLY C 328 40.20 25.56 -18.74
N TYR C 329 40.54 25.39 -17.47
CA TYR C 329 40.45 26.50 -16.50
C TYR C 329 41.79 27.17 -16.21
N LYS D 23 -14.39 42.16 8.57
CA LYS D 23 -14.18 41.64 7.17
C LYS D 23 -13.06 40.61 7.07
N ARG D 24 -13.37 39.39 6.61
CA ARG D 24 -12.34 38.36 6.44
C ARG D 24 -11.81 38.38 4.99
N LYS D 25 -10.52 38.70 4.86
CA LYS D 25 -9.82 38.64 3.58
C LYS D 25 -9.65 37.19 3.18
N ILE D 26 -10.06 36.87 1.95
CA ILE D 26 -9.93 35.50 1.43
C ILE D 26 -9.35 35.47 0.02
N ILE D 27 -8.68 34.35 -0.28
CA ILE D 27 -8.38 33.97 -1.63
C ILE D 27 -9.23 32.72 -1.90
N LEU D 28 -10.08 32.78 -2.91
CA LEU D 28 -10.94 31.66 -3.25
C LEU D 28 -10.35 30.85 -4.35
N ASP D 29 -10.01 29.59 -4.06
CA ASP D 29 -9.37 28.65 -5.00
C ASP D 29 -10.40 27.59 -5.43
N CYS D 30 -10.67 27.51 -6.75
CA CYS D 30 -11.86 26.76 -7.20
C CYS D 30 -11.76 26.25 -8.64
N ASP D 31 -12.66 25.31 -8.99
CA ASP D 31 -12.62 24.62 -10.29
C ASP D 31 -14.01 24.63 -10.95
N PRO D 32 -14.57 25.85 -11.23
CA PRO D 32 -16.00 25.92 -11.46
C PRO D 32 -16.43 25.16 -12.73
N GLY D 33 -17.51 24.39 -12.65
CA GLY D 33 -18.12 23.98 -11.41
C GLY D 33 -19.36 24.74 -10.96
N HIS D 34 -20.47 24.01 -10.85
CA HIS D 34 -21.76 24.55 -10.50
C HIS D 34 -21.79 25.17 -9.13
N ASP D 35 -21.39 24.44 -8.10
CA ASP D 35 -21.42 25.02 -6.75
C ASP D 35 -20.29 25.99 -6.52
N ASP D 36 -19.15 25.79 -7.19
CA ASP D 36 -18.13 26.83 -7.19
C ASP D 36 -18.70 28.20 -7.62
N ALA D 37 -19.53 28.20 -8.67
CA ALA D 37 -20.12 29.45 -9.14
C ALA D 37 -20.95 30.10 -8.04
N ILE D 38 -21.71 29.30 -7.28
CA ILE D 38 -22.52 29.78 -6.11
C ILE D 38 -21.62 30.38 -5.03
N ALA D 39 -20.53 29.72 -4.73
CA ALA D 39 -19.51 30.21 -3.82
C ALA D 39 -18.92 31.55 -4.29
N ILE D 40 -18.59 31.66 -5.57
CA ILE D 40 -18.08 32.92 -6.13
C ILE D 40 -19.09 34.04 -5.91
N MET D 41 -20.36 33.69 -6.15
CA MET D 41 -21.47 34.65 -6.05
C MET D 41 -21.61 35.19 -4.62
N MET D 42 -21.59 34.29 -3.64
CA MET D 42 -21.66 34.68 -2.24
C MET D 42 -20.47 35.49 -1.76
N ALA D 43 -19.27 34.98 -1.99
CA ALA D 43 -18.00 35.59 -1.53
C ALA D 43 -17.79 37.02 -2.04
N ALA D 44 -18.13 37.23 -3.31
CA ALA D 44 -17.93 38.53 -3.94
C ALA D 44 -18.88 39.61 -3.38
N LYS D 45 -20.02 39.21 -2.83
CA LYS D 45 -21.11 40.13 -2.49
C LYS D 45 -21.20 40.50 -0.99
N HIS D 46 -20.95 39.53 -0.11
CA HIS D 46 -21.21 39.74 1.30
C HIS D 46 -20.22 40.68 1.95
N PRO D 47 -20.73 41.69 2.69
CA PRO D 47 -19.89 42.70 3.36
C PRO D 47 -18.92 42.16 4.40
N ALA D 48 -19.16 40.94 4.90
CA ALA D 48 -18.26 40.27 5.87
C ALA D 48 -17.04 39.57 5.23
N ILE D 49 -17.02 39.48 3.90
CA ILE D 49 -15.94 38.85 3.12
C ILE D 49 -15.22 39.91 2.23
N ASP D 50 -13.90 40.00 2.35
CA ASP D 50 -13.06 40.74 1.43
C ASP D 50 -12.37 39.78 0.42
N LEU D 51 -12.93 39.66 -0.78
CA LEU D 51 -12.43 38.70 -1.76
C LEU D 51 -11.31 39.34 -2.57
N LEU D 52 -10.08 38.97 -2.20
CA LEU D 52 -8.86 39.49 -2.80
C LEU D 52 -8.63 39.04 -4.24
N GLY D 53 -9.04 37.82 -4.55
CA GLY D 53 -8.79 37.27 -5.87
C GLY D 53 -9.21 35.83 -5.92
N ILE D 54 -9.40 35.34 -7.13
CA ILE D 54 -9.83 33.97 -7.41
C ILE D 54 -8.75 33.21 -8.21
N THR D 55 -8.35 32.05 -7.69
CA THR D 55 -7.37 31.19 -8.36
C THR D 55 -8.11 29.96 -8.83
N ILE D 56 -7.80 29.53 -10.04
CA ILE D 56 -8.48 28.42 -10.66
C ILE D 56 -7.57 27.18 -10.73
N VAL D 57 -8.14 26.00 -10.52
CA VAL D 57 -7.41 24.73 -10.55
C VAL D 57 -8.19 23.77 -11.47
N ALA D 58 -7.50 22.85 -12.13
CA ALA D 58 -8.22 21.83 -12.92
C ALA D 58 -8.92 20.89 -11.92
N GLY D 59 -10.01 20.26 -12.32
CA GLY D 59 -10.75 19.40 -11.38
C GLY D 59 -12.05 18.85 -11.95
N ASN D 60 -13.17 19.52 -11.61
CA ASN D 60 -14.47 19.30 -12.28
C ASN D 60 -14.34 19.10 -13.82
N GLN D 61 -13.54 19.96 -14.44
CA GLN D 61 -13.14 19.83 -15.84
C GLN D 61 -11.68 20.19 -15.97
N THR D 62 -11.09 20.00 -17.15
CA THR D 62 -9.74 20.52 -17.46
C THR D 62 -9.63 22.04 -17.24
N LEU D 63 -8.42 22.54 -16.99
CA LEU D 63 -8.20 23.94 -16.62
C LEU D 63 -8.66 24.91 -17.71
N ASP D 64 -8.46 24.58 -19.00
CA ASP D 64 -8.96 25.44 -20.08
C ASP D 64 -10.45 25.75 -19.87
N LYS D 65 -11.22 24.76 -19.43
CA LYS D 65 -12.68 24.88 -19.23
C LYS D 65 -13.08 25.50 -17.92
N THR D 66 -12.44 25.10 -16.81
CA THR D 66 -12.76 25.73 -15.49
C THR D 66 -12.43 27.23 -15.45
N LEU D 67 -11.39 27.62 -16.21
CA LEU D 67 -10.96 29.00 -16.31
C LEU D 67 -12.04 29.85 -16.97
N ILE D 68 -12.55 29.37 -18.10
CA ILE D 68 -13.62 30.03 -18.85
C ILE D 68 -14.91 30.13 -18.01
N ASN D 69 -15.30 29.03 -17.39
CA ASN D 69 -16.47 29.01 -16.50
C ASN D 69 -16.32 30.06 -15.38
N GLY D 70 -15.15 30.07 -14.73
CA GLY D 70 -14.86 31.09 -13.74
C GLY D 70 -14.97 32.49 -14.31
N LEU D 71 -14.35 32.76 -15.47
CA LEU D 71 -14.40 34.10 -16.10
C LEU D 71 -15.81 34.55 -16.52
N ASN D 72 -16.54 33.64 -17.17
CA ASN D 72 -17.98 33.78 -17.41
C ASN D 72 -18.85 34.15 -16.20
N VAL D 73 -18.67 33.47 -15.08
CA VAL D 73 -19.42 33.80 -13.84
C VAL D 73 -19.18 35.23 -13.44
N CYS D 74 -17.92 35.63 -13.36
CA CYS D 74 -17.56 36.97 -12.92
C CYS D 74 -18.04 38.03 -13.91
N GLN D 75 -17.85 37.79 -15.21
CA GLN D 75 -18.37 38.72 -16.21
C GLN D 75 -19.90 38.92 -16.07
N LYS D 76 -20.66 37.81 -16.03
CA LYS D 76 -22.12 37.84 -15.94
C LYS D 76 -22.59 38.62 -14.70
N LEU D 77 -21.92 38.42 -13.59
CA LEU D 77 -22.33 39.05 -12.34
C LEU D 77 -21.65 40.39 -12.13
N GLU D 78 -20.84 40.78 -13.14
CA GLU D 78 -20.03 42.00 -13.10
C GLU D 78 -19.25 42.08 -11.80
N ILE D 79 -18.53 41.00 -11.50
CA ILE D 79 -17.63 40.93 -10.35
C ILE D 79 -16.26 41.48 -10.81
N ASN D 80 -15.74 42.44 -10.05
CA ASN D 80 -14.44 43.01 -10.39
C ASN D 80 -13.33 42.56 -9.45
N VAL D 81 -12.85 41.34 -9.72
CA VAL D 81 -11.86 40.62 -8.93
C VAL D 81 -10.94 39.91 -9.92
N PRO D 82 -9.61 40.05 -9.73
CA PRO D 82 -8.62 39.41 -10.61
C PRO D 82 -8.77 37.87 -10.56
N VAL D 83 -8.71 37.24 -11.74
CA VAL D 83 -8.76 35.77 -11.88
C VAL D 83 -7.42 35.21 -12.39
N TYR D 84 -6.87 34.21 -11.70
CA TYR D 84 -5.57 33.66 -12.01
C TYR D 84 -5.71 32.19 -12.32
N ALA D 85 -5.15 31.75 -13.43
CA ALA D 85 -5.04 30.32 -13.78
C ALA D 85 -3.92 29.62 -13.05
N GLY D 86 -4.21 28.42 -12.52
CA GLY D 86 -3.20 27.65 -11.78
C GLY D 86 -2.85 26.30 -12.38
N MET D 87 -2.83 25.28 -11.51
CA MET D 87 -2.37 23.95 -11.92
C MET D 87 -3.33 23.25 -12.89
N PRO D 88 -2.86 22.86 -14.10
CA PRO D 88 -3.73 22.11 -15.03
C PRO D 88 -3.73 20.60 -14.78
N GLN D 89 -3.00 20.15 -13.75
CA GLN D 89 -2.85 18.73 -13.43
C GLN D 89 -2.56 18.55 -11.93
N PRO D 90 -2.86 17.35 -11.39
CA PRO D 90 -2.50 17.07 -10.00
C PRO D 90 -1.00 16.94 -9.87
N ILE D 91 -0.46 16.97 -8.66
CA ILE D 91 0.98 16.93 -8.44
C ILE D 91 1.67 15.58 -8.78
N MET D 92 0.93 14.47 -8.76
CA MET D 92 1.54 13.17 -9.10
C MET D 92 0.64 12.20 -9.93
N ARG D 93 -0.64 12.03 -9.54
CA ARG D 93 -1.50 11.00 -10.08
C ARG D 93 -1.92 11.29 -11.52
N GLN D 94 -2.55 10.28 -12.14
CA GLN D 94 -3.22 10.43 -13.43
C GLN D 94 -4.50 11.24 -13.26
N GLN D 95 -4.68 12.24 -14.13
CA GLN D 95 -5.81 13.16 -14.02
C GLN D 95 -7.15 12.45 -14.14
N ILE D 96 -8.16 12.96 -13.44
CA ILE D 96 -9.56 12.52 -13.58
C ILE D 96 -10.42 13.80 -13.60
N VAL D 97 -11.58 13.75 -14.26
CA VAL D 97 -12.59 14.86 -14.20
C VAL D 97 -13.93 14.37 -13.63
N ALA D 98 -14.83 15.30 -13.28
CA ALA D 98 -16.15 14.91 -12.79
C ALA D 98 -17.16 14.69 -13.93
N ILE D 101 -21.70 14.53 -13.90
CA ILE D 101 -22.10 15.45 -12.84
C ILE D 101 -22.23 16.93 -13.30
N HIS D 102 -21.14 17.48 -13.82
CA HIS D 102 -21.09 18.89 -14.22
C HIS D 102 -21.18 19.10 -15.73
N GLY D 103 -21.10 18.01 -16.50
CA GLY D 103 -21.32 18.04 -17.97
C GLY D 103 -20.08 18.28 -18.82
N ASP D 104 -20.32 18.53 -20.12
CA ASP D 104 -19.27 18.79 -21.11
C ASP D 104 -18.44 20.05 -20.86
N THR D 105 -19.09 21.19 -20.63
CA THR D 105 -18.37 22.43 -20.30
C THR D 105 -17.94 22.45 -18.83
N GLY D 106 -18.64 21.69 -17.99
CA GLY D 106 -18.37 21.61 -16.54
C GLY D 106 -19.19 22.62 -15.74
N LEU D 107 -20.02 23.38 -16.46
CA LEU D 107 -20.91 24.41 -15.90
C LEU D 107 -22.11 24.59 -16.81
N ASP D 108 -22.78 23.50 -17.12
CA ASP D 108 -23.90 23.55 -18.07
C ASP D 108 -25.12 24.23 -17.44
N GLY D 109 -25.97 24.81 -18.27
CA GLY D 109 -27.21 25.45 -17.82
C GLY D 109 -27.36 26.91 -18.20
N PRO D 110 -26.58 27.79 -17.55
CA PRO D 110 -26.67 29.20 -17.96
C PRO D 110 -26.16 29.46 -19.39
N VAL D 111 -26.61 30.57 -19.97
CA VAL D 111 -26.15 31.00 -21.28
C VAL D 111 -25.39 32.31 -21.11
N PHE D 112 -24.15 32.36 -21.61
CA PHE D 112 -23.32 33.53 -21.36
C PHE D 112 -23.01 34.29 -22.65
N GLU D 113 -23.08 35.63 -22.58
CA GLU D 113 -22.61 36.52 -23.66
C GLU D 113 -21.13 36.21 -23.98
N PRO D 114 -20.65 36.56 -25.20
CA PRO D 114 -19.22 36.31 -25.45
C PRO D 114 -18.34 36.89 -24.33
N LEU D 115 -17.31 36.12 -23.94
CA LEU D 115 -16.36 36.45 -22.88
C LEU D 115 -15.41 37.56 -23.36
N THR D 116 -15.44 38.72 -22.71
CA THR D 116 -14.48 39.78 -23.00
C THR D 116 -13.50 39.85 -21.85
N ARG D 117 -13.77 39.08 -20.79
CA ARG D 117 -12.87 39.06 -19.64
C ARG D 117 -11.72 38.08 -19.77
N GLN D 118 -10.57 38.46 -19.23
CA GLN D 118 -9.36 37.65 -19.37
C GLN D 118 -8.66 37.37 -18.06
N ALA D 119 -8.03 36.20 -17.97
CA ALA D 119 -7.14 35.79 -16.86
C ALA D 119 -5.89 36.70 -16.71
N GLU D 120 -5.43 36.89 -15.47
CA GLU D 120 -4.22 37.62 -15.18
C GLU D 120 -3.09 36.86 -15.83
N SER D 121 -1.96 37.53 -16.09
CA SER D 121 -0.80 36.81 -16.60
C SER D 121 -0.07 36.00 -15.52
N THR D 122 0.01 36.52 -14.28
CA THR D 122 0.68 35.84 -13.16
C THR D 122 0.04 34.47 -12.90
N HIS D 123 0.87 33.46 -12.74
CA HIS D 123 0.38 32.12 -12.39
C HIS D 123 -0.19 32.14 -10.98
N ALA D 124 -1.28 31.39 -10.80
CA ALA D 124 -2.00 31.33 -9.52
C ALA D 124 -1.13 30.98 -8.32
N VAL D 125 -0.16 30.07 -8.50
CA VAL D 125 0.74 29.57 -7.44
C VAL D 125 1.64 30.71 -7.01
N LYS D 126 2.17 31.46 -7.97
CA LYS D 126 2.99 32.64 -7.63
C LYS D 126 2.15 33.72 -6.94
N TYR D 127 0.98 34.00 -7.52
CA TYR D 127 0.03 34.92 -6.88
C TYR D 127 -0.23 34.61 -5.39
N ILE D 128 -0.48 33.35 -5.07
CA ILE D 128 -0.78 32.92 -3.70
C ILE D 128 0.40 33.19 -2.79
N ILE D 129 1.60 32.78 -3.24
CA ILE D 129 2.84 32.95 -2.52
C ILE D 129 3.17 34.43 -2.23
N ASP D 130 3.20 35.27 -3.26
CA ASP D 130 3.53 36.71 -3.12
C ASP D 130 2.52 37.46 -2.28
N THR D 131 1.24 37.23 -2.53
CA THR D 131 0.17 37.85 -1.72
C THR D 131 0.31 37.49 -0.21
N LEU D 132 0.56 36.21 0.09
CA LEU D 132 0.72 35.75 1.47
C LEU D 132 1.97 36.28 2.10
N MET D 133 3.08 36.24 1.36
CA MET D 133 4.36 36.78 1.84
C MET D 133 4.31 38.31 2.16
N ALA D 134 3.67 39.08 1.28
CA ALA D 134 3.49 40.53 1.47
C ALA D 134 2.51 40.89 2.58
N SER D 135 1.62 39.95 2.91
CA SER D 135 0.54 40.15 3.86
C SER D 135 0.99 40.30 5.33
N ASP D 136 0.05 40.56 6.21
CA ASP D 136 0.30 40.66 7.64
C ASP D 136 -0.17 39.37 8.38
N GLY D 137 -0.40 38.29 7.63
CA GLY D 137 -0.88 37.03 8.19
C GLY D 137 -2.37 36.84 8.47
N ASP D 138 -3.25 37.71 7.97
CA ASP D 138 -4.66 37.49 8.26
C ASP D 138 -5.53 37.08 7.06
N ILE D 139 -4.90 36.67 5.95
CA ILE D 139 -5.66 36.14 4.82
C ILE D 139 -5.98 34.67 5.05
N THR D 140 -7.23 34.30 4.80
CA THR D 140 -7.70 32.94 4.90
C THR D 140 -7.76 32.36 3.48
N LEU D 141 -7.34 31.10 3.32
CA LEU D 141 -7.44 30.45 2.00
C LEU D 141 -8.68 29.60 2.01
N VAL D 142 -9.39 29.60 0.88
CA VAL D 142 -10.66 28.91 0.78
C VAL D 142 -10.67 28.04 -0.47
N PRO D 143 -10.07 26.84 -0.38
CA PRO D 143 -10.02 25.91 -1.49
C PRO D 143 -11.27 25.03 -1.51
N VAL D 144 -11.86 24.92 -2.69
CA VAL D 144 -13.08 24.18 -2.90
C VAL D 144 -13.02 23.33 -4.22
N GLY D 145 -11.82 23.12 -4.73
CA GLY D 145 -11.52 22.10 -5.74
C GLY D 145 -10.42 21.16 -5.22
N PRO D 146 -9.79 20.36 -6.11
CA PRO D 146 -8.55 19.65 -5.67
C PRO D 146 -7.50 20.65 -5.19
N LEU D 147 -6.59 20.16 -4.33
CA LEU D 147 -5.66 21.03 -3.61
C LEU D 147 -4.29 21.23 -4.26
N SER D 148 -4.20 21.02 -5.58
CA SER D 148 -2.97 21.21 -6.34
C SER D 148 -2.28 22.56 -6.18
N ASN D 149 -3.03 23.66 -6.32
CA ASN D 149 -2.44 25.03 -6.22
C ASN D 149 -1.89 25.27 -4.84
N ILE D 150 -2.59 24.75 -3.84
CA ILE D 150 -2.26 24.99 -2.45
C ILE D 150 -0.98 24.23 -2.10
N ALA D 151 -0.93 22.95 -2.45
CA ALA D 151 0.21 22.11 -2.15
C ALA D 151 1.50 22.57 -2.84
N VAL D 152 1.39 23.00 -4.09
CA VAL D 152 2.53 23.51 -4.84
C VAL D 152 3.06 24.81 -4.19
N ALA D 153 2.18 25.73 -3.82
CA ALA D 153 2.64 26.94 -3.14
C ALA D 153 3.28 26.61 -1.78
N MET D 154 2.66 25.73 -1.00
CA MET D 154 3.19 25.40 0.37
C MET D 154 4.60 24.81 0.35
N ARG D 155 4.88 24.00 -0.69
CA ARG D 155 6.17 23.35 -0.87
C ARG D 155 7.17 24.20 -1.62
N MET D 156 6.67 25.06 -2.51
CA MET D 156 7.49 26.00 -3.25
C MET D 156 8.04 27.12 -2.37
N GLN D 157 7.22 27.55 -1.45
CA GLN D 157 7.61 28.58 -0.48
C GLN D 157 6.99 28.23 0.89
N PRO D 158 7.69 27.39 1.67
CA PRO D 158 7.29 27.00 3.02
C PRO D 158 7.07 28.14 4.00
N ALA D 159 7.59 29.31 3.69
CA ALA D 159 7.47 30.45 4.61
C ALA D 159 6.07 31.13 4.62
N ILE D 160 5.22 30.80 3.63
CA ILE D 160 3.84 31.23 3.61
C ILE D 160 3.06 30.59 4.74
N LEU D 161 3.51 29.43 5.25
CA LEU D 161 2.72 28.69 6.24
C LEU D 161 2.28 29.47 7.51
N PRO D 162 3.24 30.10 8.25
CA PRO D 162 2.73 30.89 9.38
C PRO D 162 1.91 32.14 8.95
N LYS D 163 2.00 32.55 7.68
CA LYS D 163 1.24 33.70 7.10
C LYS D 163 -0.25 33.39 6.84
N ILE D 164 -0.60 32.12 6.73
CA ILE D 164 -1.97 31.73 6.49
C ILE D 164 -2.77 31.69 7.78
N ARG D 165 -3.79 32.53 7.88
CA ARG D 165 -4.52 32.60 9.16
C ARG D 165 -5.30 31.31 9.41
N GLU D 166 -5.92 30.78 8.36
CA GLU D 166 -6.73 29.60 8.44
C GLU D 166 -6.98 29.12 7.03
N ILE D 167 -7.24 27.81 6.88
CA ILE D 167 -7.71 27.23 5.61
C ILE D 167 -9.12 26.68 5.83
N VAL D 168 -10.08 27.15 5.05
CA VAL D 168 -11.45 26.63 5.15
C VAL D 168 -11.76 25.94 3.83
N LEU D 169 -11.70 24.61 3.83
CA LEU D 169 -11.74 23.85 2.57
C LEU D 169 -13.01 23.05 2.40
N MET D 170 -13.45 22.85 1.16
CA MET D 170 -14.52 21.88 0.87
C MET D 170 -13.86 20.62 0.35
N GLY D 171 -13.99 19.53 1.12
CA GLY D 171 -13.38 18.27 0.73
C GLY D 171 -13.48 17.19 1.78
N GLY D 172 -13.34 15.93 1.37
CA GLY D 172 -13.26 14.83 2.32
C GLY D 172 -14.61 14.39 2.81
N ALA D 173 -14.62 13.37 3.68
CA ALA D 173 -15.85 12.82 4.26
C ALA D 173 -15.40 11.94 5.38
N TYR D 174 -16.00 12.05 6.57
CA TYR D 174 -15.64 11.06 7.62
C TYR D 174 -16.43 9.74 7.44
N GLY D 175 -17.56 9.82 6.75
CA GLY D 175 -18.34 8.63 6.40
C GLY D 175 -18.02 8.17 4.98
N THR D 176 -19.05 8.09 4.15
CA THR D 176 -18.94 7.63 2.77
C THR D 176 -18.53 8.75 1.82
N GLY D 177 -17.68 8.43 0.85
CA GLY D 177 -17.24 9.38 -0.17
C GLY D 177 -18.27 9.44 -1.28
N ASN D 178 -17.94 10.09 -2.37
CA ASN D 178 -18.89 10.14 -3.44
C ASN D 178 -18.32 9.51 -4.69
N PHE D 179 -17.15 9.99 -5.13
CA PHE D 179 -16.44 9.41 -6.27
C PHE D 179 -16.07 7.94 -6.11
N THR D 180 -15.63 7.57 -4.90
CA THR D 180 -15.50 6.16 -4.51
C THR D 180 -16.17 6.02 -3.15
N PRO D 181 -16.42 4.79 -2.66
CA PRO D 181 -16.98 4.62 -1.29
C PRO D 181 -16.11 5.25 -0.19
N SER D 182 -14.83 5.47 -0.51
CA SER D 182 -13.87 5.93 0.47
C SER D 182 -13.54 7.40 0.40
N ALA D 183 -13.65 7.97 -0.80
CA ALA D 183 -13.06 9.27 -1.12
C ALA D 183 -14.02 10.23 -1.79
N GLU D 184 -13.93 11.48 -1.38
CA GLU D 184 -14.67 12.61 -1.93
C GLU D 184 -13.83 13.14 -3.12
N PHE D 185 -14.49 13.66 -4.13
CA PHE D 185 -13.86 14.00 -5.40
C PHE D 185 -12.62 14.89 -5.30
N ASN D 186 -12.76 16.04 -4.63
CA ASN D 186 -11.63 16.95 -4.41
C ASN D 186 -10.35 16.33 -3.87
N ILE D 187 -10.47 15.49 -2.83
CA ILE D 187 -9.30 14.77 -2.33
C ILE D 187 -8.82 13.69 -3.28
N PHE D 188 -9.75 12.84 -3.74
CA PHE D 188 -9.45 11.74 -4.66
C PHE D 188 -8.71 12.21 -5.93
N ALA D 189 -8.99 13.42 -6.41
CA ALA D 189 -8.38 13.99 -7.62
C ALA D 189 -6.92 14.41 -7.46
N ASP D 190 -6.48 14.57 -6.21
CA ASP D 190 -5.07 14.85 -5.93
C ASP D 190 -4.83 14.53 -4.46
N PRO D 191 -4.71 13.23 -4.13
CA PRO D 191 -4.47 12.81 -2.72
C PRO D 191 -3.16 13.30 -2.13
N GLU D 192 -2.13 13.37 -2.96
CA GLU D 192 -0.81 13.76 -2.52
C GLU D 192 -0.82 15.20 -2.10
N ALA D 193 -1.44 16.05 -2.93
CA ALA D 193 -1.64 17.45 -2.61
C ALA D 193 -2.37 17.59 -1.30
N ALA D 194 -3.44 16.79 -1.12
CA ALA D 194 -4.22 16.81 0.10
C ALA D 194 -3.36 16.46 1.30
N ARG D 195 -2.53 15.43 1.18
CA ARG D 195 -1.61 15.01 2.26
C ARG D 195 -0.71 16.17 2.70
N VAL D 196 -0.19 16.95 1.73
CA VAL D 196 0.60 18.17 2.02
C VAL D 196 -0.23 19.15 2.85
N VAL D 197 -1.43 19.47 2.36
CA VAL D 197 -2.29 20.40 3.13
C VAL D 197 -2.59 19.92 4.56
N PHE D 198 -2.79 18.62 4.75
CA PHE D 198 -3.27 18.11 6.07
C PHE D 198 -2.14 17.90 7.09
N THR D 199 -0.91 17.91 6.60
CA THR D 199 0.29 17.84 7.42
C THR D 199 1.00 19.22 7.53
N SER D 200 0.39 20.30 7.01
CA SER D 200 1.01 21.63 7.03
C SER D 200 1.05 22.30 8.42
N GLY D 201 0.17 21.90 9.35
CA GLY D 201 0.16 22.49 10.69
C GLY D 201 -0.60 23.83 10.76
N VAL D 202 -1.10 24.27 9.60
CA VAL D 202 -1.94 25.47 9.49
C VAL D 202 -3.36 25.15 10.01
N PRO D 203 -4.02 26.09 10.73
CA PRO D 203 -5.41 25.81 11.15
C PRO D 203 -6.34 25.43 9.98
N LEU D 204 -7.00 24.28 10.09
CA LEU D 204 -7.85 23.79 9.02
C LEU D 204 -9.28 23.66 9.49
N VAL D 205 -10.20 24.04 8.62
CA VAL D 205 -11.59 23.72 8.76
C VAL D 205 -12.01 22.91 7.53
N MET D 206 -12.68 21.79 7.74
CA MET D 206 -13.07 20.90 6.64
C MET D 206 -14.54 20.75 6.54
N MET D 207 -15.07 21.23 5.44
CA MET D 207 -16.48 21.03 5.14
C MET D 207 -16.56 19.81 4.27
N GLY D 208 -16.75 18.65 4.88
CA GLY D 208 -16.86 17.40 4.14
C GLY D 208 -18.25 17.05 3.65
N LEU D 209 -18.36 15.94 2.91
CA LEU D 209 -19.66 15.44 2.43
C LEU D 209 -20.70 15.15 3.50
N ASP D 210 -20.25 14.87 4.73
CA ASP D 210 -21.15 14.56 5.86
C ASP D 210 -21.97 15.78 6.18
N LEU D 211 -21.33 16.96 6.17
CA LEU D 211 -22.03 18.24 6.30
C LEU D 211 -22.70 18.66 5.00
N THR D 212 -21.94 18.78 3.92
CA THR D 212 -22.43 19.42 2.68
C THR D 212 -23.57 18.72 1.99
N ASN D 213 -23.65 17.38 2.11
CA ASN D 213 -24.84 16.63 1.62
C ASN D 213 -26.16 17.06 2.29
N GLN D 214 -26.11 17.61 3.50
CA GLN D 214 -27.30 18.19 4.14
C GLN D 214 -27.83 19.44 3.38
N THR D 215 -27.04 20.04 2.48
CA THR D 215 -27.46 21.26 1.79
C THR D 215 -28.05 21.00 0.42
N VAL D 216 -28.88 19.96 0.29
CA VAL D 216 -29.57 19.66 -0.99
C VAL D 216 -30.51 20.75 -1.51
N CYS D 217 -30.31 21.12 -2.77
CA CYS D 217 -31.04 22.22 -3.38
C CYS D 217 -32.18 21.67 -4.23
N THR D 218 -33.33 21.57 -3.57
CA THR D 218 -34.57 21.02 -4.12
C THR D 218 -35.32 22.10 -4.92
N PRO D 219 -36.27 21.70 -5.80
CA PRO D 219 -37.00 22.67 -6.63
C PRO D 219 -37.59 23.91 -5.91
N ASP D 220 -38.00 23.75 -4.64
CA ASP D 220 -38.55 24.87 -3.87
C ASP D 220 -37.50 25.91 -3.47
N VAL D 221 -36.26 25.43 -3.30
CA VAL D 221 -35.14 26.31 -2.94
C VAL D 221 -34.76 27.14 -4.16
N ILE D 222 -34.80 26.50 -5.32
CA ILE D 222 -34.55 27.14 -6.61
C ILE D 222 -35.62 28.19 -6.85
N ALA D 223 -36.87 27.82 -6.60
CA ALA D 223 -38.01 28.69 -6.85
C ALA D 223 -37.92 29.92 -5.99
N ARG D 224 -37.37 29.74 -4.79
CA ARG D 224 -37.19 30.83 -3.85
C ARG D 224 -36.19 31.87 -4.34
N MET D 225 -35.11 31.39 -4.97
CA MET D 225 -34.07 32.29 -5.50
C MET D 225 -34.54 32.95 -6.79
N GLU D 226 -35.34 32.24 -7.60
CA GLU D 226 -35.98 32.82 -8.79
C GLU D 226 -36.84 34.03 -8.42
N ARG D 227 -37.54 33.91 -7.30
CA ARG D 227 -38.43 34.94 -6.79
C ARG D 227 -37.67 36.19 -6.36
N ALA D 228 -36.53 36.00 -5.69
CA ALA D 228 -35.63 37.13 -5.38
C ALA D 228 -35.12 37.80 -6.67
N GLY D 229 -34.85 36.99 -7.70
CA GLY D 229 -34.60 37.49 -9.04
C GLY D 229 -33.26 38.18 -9.19
N GLY D 230 -33.18 39.07 -10.18
CA GLY D 230 -31.93 39.76 -10.54
C GLY D 230 -30.94 38.80 -11.19
N PRO D 231 -29.74 39.30 -11.55
CA PRO D 231 -28.79 38.42 -12.28
C PRO D 231 -28.31 37.20 -11.45
N ALA D 232 -28.13 37.36 -10.14
CA ALA D 232 -27.68 36.24 -9.29
C ALA D 232 -28.75 35.16 -8.99
N GLY D 233 -30.01 35.57 -8.89
CA GLY D 233 -31.13 34.64 -8.81
C GLY D 233 -31.38 33.85 -10.08
N GLU D 234 -31.20 34.49 -11.23
CA GLU D 234 -31.39 33.81 -12.52
C GLU D 234 -30.27 32.77 -12.80
N LEU D 235 -29.02 33.18 -12.53
CA LEU D 235 -27.88 32.30 -12.62
C LEU D 235 -28.06 31.12 -11.66
N PHE D 236 -28.43 31.37 -10.42
CA PHE D 236 -28.70 30.28 -9.46
C PHE D 236 -29.69 29.27 -10.01
N SER D 237 -30.74 29.76 -10.65
CA SER D 237 -31.72 28.88 -11.24
C SER D 237 -31.13 28.08 -12.40
N ASP D 238 -30.45 28.76 -13.33
CA ASP D 238 -29.95 28.10 -14.55
C ASP D 238 -28.95 27.00 -14.24
N ILE D 239 -28.06 27.30 -13.30
CA ILE D 239 -27.00 26.41 -12.91
C ILE D 239 -27.56 25.19 -12.18
N MET D 240 -28.40 25.44 -11.16
CA MET D 240 -28.87 24.42 -10.24
C MET D 240 -30.02 23.58 -10.76
N ASN D 241 -30.65 24.03 -11.85
CA ASN D 241 -31.65 23.24 -12.60
C ASN D 241 -31.00 22.09 -13.39
N PHE D 242 -29.75 22.29 -13.80
CA PHE D 242 -28.97 21.22 -14.44
C PHE D 242 -28.55 20.09 -13.49
N THR D 243 -27.96 20.41 -12.33
CA THR D 243 -27.53 19.39 -11.38
C THR D 243 -28.71 18.86 -10.56
N LEU D 244 -29.89 18.94 -11.15
CA LEU D 244 -31.08 18.30 -10.60
C LEU D 244 -31.15 16.84 -11.11
N LYS D 245 -30.99 16.67 -12.43
CA LYS D 245 -30.95 15.36 -13.05
C LYS D 245 -29.71 14.56 -12.63
N THR D 246 -28.58 15.28 -12.52
CA THR D 246 -27.24 14.68 -12.52
C THR D 246 -26.65 14.29 -11.15
N GLN D 247 -27.14 14.89 -10.07
CA GLN D 247 -26.76 14.45 -8.72
C GLN D 247 -27.71 13.37 -8.16
N PHE D 248 -28.89 13.22 -8.78
CA PHE D 248 -29.85 12.14 -8.45
C PHE D 248 -29.41 10.76 -8.99
N GLU D 249 -29.10 10.69 -10.28
CA GLU D 249 -28.73 9.44 -10.94
C GLU D 249 -27.43 8.85 -10.42
N ASN D 250 -26.62 9.68 -9.77
CA ASN D 250 -25.30 9.29 -9.29
C ASN D 250 -25.23 8.85 -7.83
N TYR D 251 -25.94 9.57 -6.95
CA TYR D 251 -25.78 9.40 -5.51
C TYR D 251 -27.11 9.22 -4.79
N GLY D 252 -28.21 9.58 -5.47
CA GLY D 252 -29.54 9.59 -4.87
C GLY D 252 -29.73 10.61 -3.77
N LEU D 253 -29.25 11.84 -3.99
CA LEU D 253 -29.50 12.96 -3.08
C LEU D 253 -30.70 13.79 -3.57
N ALA D 254 -31.55 14.23 -2.63
CA ALA D 254 -32.79 14.96 -2.93
C ALA D 254 -32.69 16.11 -3.96
N GLY D 255 -31.48 16.64 -4.16
CA GLY D 255 -31.15 17.55 -5.26
C GLY D 255 -29.66 17.81 -5.24
N GLY D 256 -29.18 18.75 -6.05
CA GLY D 256 -27.77 19.12 -6.00
C GLY D 256 -27.40 19.82 -4.70
N PRO D 257 -26.53 19.18 -3.87
CA PRO D 257 -25.98 19.89 -2.73
C PRO D 257 -25.20 21.08 -3.22
N VAL D 258 -25.12 22.11 -2.40
CA VAL D 258 -24.29 23.28 -2.75
C VAL D 258 -22.99 23.30 -1.88
N HIS D 259 -22.18 22.25 -2.06
CA HIS D 259 -21.06 21.96 -1.18
C HIS D 259 -20.19 23.19 -0.87
N ASP D 260 -19.71 23.82 -1.94
CA ASP D 260 -18.64 24.83 -1.87
C ASP D 260 -19.06 26.11 -1.19
N ALA D 261 -20.33 26.46 -1.35
CA ALA D 261 -20.89 27.66 -0.75
C ALA D 261 -20.87 27.62 0.78
N THR D 262 -20.90 26.41 1.39
CA THR D 262 -20.83 26.27 2.88
C THR D 262 -19.56 26.81 3.49
N CYS D 263 -18.47 26.80 2.71
CA CYS D 263 -17.22 27.45 3.15
C CYS D 263 -17.38 28.98 3.35
N ILE D 264 -18.07 29.64 2.41
CA ILE D 264 -18.31 31.09 2.52
C ILE D 264 -19.26 31.36 3.68
N GLY D 265 -20.34 30.59 3.76
CA GLY D 265 -21.25 30.57 4.91
C GLY D 265 -20.55 30.42 6.24
N TYR D 266 -19.58 29.52 6.34
CA TYR D 266 -18.79 29.34 7.57
C TYR D 266 -18.02 30.59 7.96
N LEU D 267 -17.55 31.34 6.96
CA LEU D 267 -16.77 32.53 7.26
C LEU D 267 -17.66 33.71 7.67
N ILE D 268 -18.81 33.82 6.98
CA ILE D 268 -19.84 34.81 7.28
C ILE D 268 -20.34 34.64 8.70
N ASN D 269 -20.59 33.40 9.13
CA ASN D 269 -21.09 33.13 10.50
C ASN D 269 -20.91 31.68 10.89
N PRO D 270 -19.82 31.38 11.61
CA PRO D 270 -19.49 30.00 11.98
C PRO D 270 -20.55 29.34 12.86
N ASP D 271 -21.42 30.13 13.49
CA ASP D 271 -22.42 29.58 14.40
C ASP D 271 -23.57 28.80 13.69
N GLY D 272 -23.72 28.99 12.40
CA GLY D 272 -24.69 28.17 11.66
C GLY D 272 -24.21 26.76 11.33
N ILE D 273 -22.92 26.48 11.61
CA ILE D 273 -22.28 25.17 11.36
C ILE D 273 -21.67 24.58 12.66
N LYS D 274 -22.05 23.36 13.01
CA LYS D 274 -21.43 22.68 14.18
C LYS D 274 -20.19 21.95 13.70
N THR D 275 -19.05 22.20 14.33
CA THR D 275 -17.84 21.46 14.00
C THR D 275 -17.32 20.67 15.20
N GLN D 276 -16.53 19.62 14.91
CA GLN D 276 -15.87 18.85 15.93
C GLN D 276 -14.40 18.76 15.60
N GLU D 277 -13.55 18.97 16.60
CA GLU D 277 -12.12 18.90 16.39
C GLU D 277 -11.67 17.44 16.29
N MET D 278 -10.86 17.12 15.28
CA MET D 278 -10.41 15.73 15.07
C MET D 278 -8.96 15.69 14.58
N TYR D 279 -8.28 14.59 14.91
CA TYR D 279 -7.08 14.23 14.17
C TYR D 279 -7.50 13.64 12.80
N VAL D 280 -7.06 14.29 11.72
CA VAL D 280 -7.34 13.82 10.34
C VAL D 280 -6.08 13.44 9.54
N GLU D 281 -6.11 12.27 8.90
CA GLU D 281 -4.98 11.82 8.12
C GLU D 281 -5.48 11.44 6.71
N VAL D 282 -4.75 11.85 5.66
CA VAL D 282 -5.08 11.52 4.29
C VAL D 282 -4.32 10.25 3.88
N ASP D 283 -5.09 9.26 3.44
CA ASP D 283 -4.56 7.98 2.93
C ASP D 283 -4.14 8.08 1.45
N VAL D 284 -2.83 7.96 1.20
CA VAL D 284 -2.24 7.98 -0.16
C VAL D 284 -1.85 6.58 -0.65
N ASN D 285 -2.25 5.52 0.06
CA ASN D 285 -2.11 4.15 -0.47
C ASN D 285 -2.96 3.98 -1.75
N SER D 286 -2.37 3.53 -2.85
CA SER D 286 -3.16 2.99 -3.98
C SER D 286 -4.03 1.83 -3.41
N GLY D 287 -5.21 1.58 -3.96
CA GLY D 287 -6.13 0.61 -3.32
C GLY D 287 -7.45 1.24 -2.89
N PRO D 288 -8.27 0.49 -2.12
CA PRO D 288 -9.67 0.89 -1.89
C PRO D 288 -9.92 2.15 -1.04
N CYS D 289 -8.86 2.76 -0.48
CA CYS D 289 -9.00 3.96 0.34
C CYS D 289 -8.11 5.10 -0.10
N TYR D 290 -7.61 5.01 -1.33
CA TYR D 290 -6.84 6.09 -1.93
C TYR D 290 -7.63 7.41 -1.89
N GLY D 291 -7.04 8.44 -1.32
CA GLY D 291 -7.70 9.76 -1.17
C GLY D 291 -8.75 9.85 -0.06
N ARG D 292 -8.81 8.85 0.82
CA ARG D 292 -9.70 8.93 2.00
C ARG D 292 -9.13 9.92 3.04
N THR D 293 -9.96 10.83 3.54
CA THR D 293 -9.63 11.54 4.80
C THR D 293 -10.08 10.66 5.99
N VAL D 294 -9.11 10.13 6.73
CA VAL D 294 -9.42 9.28 7.89
C VAL D 294 -9.58 10.19 9.10
N CYS D 295 -10.81 10.36 9.57
CA CYS D 295 -11.09 11.25 10.70
C CYS D 295 -11.31 10.48 12.03
N ASP D 296 -10.53 10.82 13.05
CA ASP D 296 -10.55 10.15 14.38
C ASP D 296 -11.63 10.76 15.25
N GLU D 297 -12.89 10.39 14.96
CA GLU D 297 -14.07 10.88 15.66
C GLU D 297 -13.98 10.77 17.17
N LEU D 298 -13.52 9.62 17.65
CA LEU D 298 -13.64 9.26 19.05
C LEU D 298 -12.36 9.50 19.80
N GLY D 299 -11.33 9.98 19.12
CA GLY D 299 -10.02 10.18 19.72
C GLY D 299 -9.22 8.93 20.14
N VAL D 300 -9.45 7.78 19.48
CA VAL D 300 -8.74 6.54 19.85
C VAL D 300 -7.23 6.52 19.60
N LEU D 301 -6.71 7.35 18.71
CA LEU D 301 -5.27 7.34 18.40
C LEU D 301 -4.42 8.13 19.38
N GLY D 302 -5.07 8.94 20.22
CA GLY D 302 -4.39 9.83 21.16
C GLY D 302 -3.51 10.90 20.50
N LYS D 303 -3.85 11.29 19.27
CA LYS D 303 -3.09 12.34 18.57
C LYS D 303 -3.84 13.68 18.69
N PRO D 304 -3.11 14.80 18.76
CA PRO D 304 -3.83 16.08 18.85
C PRO D 304 -4.60 16.45 17.56
N ALA D 305 -5.77 17.05 17.70
CA ALA D 305 -6.62 17.37 16.56
C ALA D 305 -5.89 18.35 15.67
N ASN D 306 -6.10 18.20 14.37
CA ASN D 306 -5.47 19.12 13.42
C ASN D 306 -6.52 19.80 12.52
N THR D 307 -7.78 19.40 12.70
CA THR D 307 -8.86 19.85 11.85
C THR D 307 -10.16 20.05 12.63
N LYS D 308 -10.87 21.15 12.33
CA LYS D 308 -12.27 21.31 12.69
C LYS D 308 -13.15 20.75 11.59
N VAL D 309 -13.83 19.66 11.87
CA VAL D 309 -14.59 18.92 10.87
C VAL D 309 -16.11 19.23 10.92
N GLY D 310 -16.68 19.57 9.77
CA GLY D 310 -18.10 19.88 9.68
C GLY D 310 -19.01 18.71 10.03
N ILE D 311 -19.90 18.92 11.00
CA ILE D 311 -20.83 17.88 11.46
C ILE D 311 -22.26 18.19 11.00
N THR D 312 -22.81 19.34 11.42
CA THR D 312 -24.18 19.73 11.04
C THR D 312 -24.25 21.18 10.62
N ILE D 313 -25.13 21.47 9.67
CA ILE D 313 -25.44 22.83 9.24
C ILE D 313 -26.93 23.16 9.43
N ASP D 314 -27.22 24.36 9.94
CA ASP D 314 -28.58 24.93 9.98
C ASP D 314 -29.01 25.42 8.58
N THR D 315 -29.79 24.60 7.87
CA THR D 315 -30.21 24.91 6.50
C THR D 315 -31.12 26.13 6.37
N ASP D 316 -31.85 26.46 7.44
CA ASP D 316 -32.69 27.66 7.45
C ASP D 316 -31.85 28.93 7.46
N TRP D 317 -30.86 28.96 8.37
CA TRP D 317 -29.89 30.05 8.38
C TRP D 317 -29.22 30.17 7.03
N PHE D 318 -28.80 29.03 6.50
CA PHE D 318 -27.96 28.99 5.31
C PHE D 318 -28.66 29.45 4.04
N TRP D 319 -29.85 28.91 3.77
CA TRP D 319 -30.62 29.35 2.60
C TRP D 319 -31.04 30.84 2.72
N GLY D 320 -31.25 31.30 3.94
CA GLY D 320 -31.48 32.71 4.19
C GLY D 320 -30.27 33.53 3.79
N LEU D 321 -29.09 33.02 4.12
CA LEU D 321 -27.85 33.63 3.71
C LEU D 321 -27.65 33.67 2.19
N VAL D 322 -27.97 32.57 1.51
CA VAL D 322 -27.91 32.49 0.05
C VAL D 322 -28.80 33.56 -0.60
N GLU D 323 -30.05 33.65 -0.15
CA GLU D 323 -30.98 34.67 -0.62
C GLU D 323 -30.45 36.10 -0.41
N GLU D 324 -29.93 36.38 0.79
CA GLU D 324 -29.34 37.67 1.12
C GLU D 324 -28.26 38.09 0.13
N CYS D 325 -27.41 37.15 -0.27
CA CYS D 325 -26.40 37.41 -1.31
C CYS D 325 -26.99 37.58 -2.70
N VAL D 326 -28.00 36.76 -3.01
CA VAL D 326 -28.63 36.82 -4.32
C VAL D 326 -29.18 38.25 -4.51
N ARG D 327 -29.63 38.83 -3.39
CA ARG D 327 -30.33 40.11 -3.45
CA ARG D 327 -30.33 40.13 -3.36
C ARG D 327 -29.39 41.30 -3.56
N GLY D 328 -28.17 41.15 -3.06
CA GLY D 328 -27.13 42.15 -3.25
C GLY D 328 -26.80 42.44 -4.70
N TYR D 329 -27.36 41.67 -5.63
CA TYR D 329 -27.06 41.86 -7.06
C TYR D 329 -28.22 42.46 -7.85
N ILE D 330 -29.35 42.66 -7.19
CA ILE D 330 -30.48 43.39 -7.77
C ILE D 330 -30.05 44.84 -7.92
N LYS D 331 -30.11 45.34 -9.16
CA LYS D 331 -29.36 46.55 -9.58
C LYS D 331 -29.90 47.89 -9.06
CA CA E . 10.49 -25.79 -6.23
N9 NOS F . 11.19 -22.69 -10.67
C4 NOS F . 10.82 -21.57 -11.28
N3 NOS F . 9.75 -20.72 -11.18
C2 NOS F . 9.67 -19.64 -11.97
N1 NOS F . 10.61 -19.33 -12.88
C6 NOS F . 11.71 -20.09 -13.07
O6 NOS F . 12.58 -19.82 -13.90
C5 NOS F . 11.88 -21.30 -12.24
N7 NOS F . 12.80 -22.27 -12.13
C8 NOS F . 12.38 -23.10 -11.16
C5' NOS F . 12.67 -21.09 -8.12
O5' NOS F . 12.33 -19.81 -8.67
C4' NOS F . 11.48 -21.99 -7.73
O4' NOS F . 10.37 -22.10 -8.65
C1' NOS F . 10.45 -23.25 -9.54
C2' NOS F . 11.35 -24.22 -8.76
O2' NOS F . 10.59 -25.36 -8.37
C3' NOS F . 11.99 -23.42 -7.60
O3' NOS F . 11.72 -23.91 -6.26
CA CA G . -15.99 -11.70 19.96
N9 NOS H . -15.44 -6.54 21.69
C4 NOS H . -14.62 -5.50 21.70
N3 NOS H . -13.43 -5.24 21.10
C2 NOS H . -12.82 -4.06 21.32
N1 NOS H . -13.31 -3.11 22.15
C6 NOS H . -14.49 -3.25 22.80
O6 NOS H . -14.91 -2.35 23.57
C5 NOS H . -15.24 -4.52 22.60
N7 NOS H . -16.40 -5.05 23.03
C8 NOS H . -16.52 -6.27 22.47
C5' NOS H . -16.42 -6.16 17.97
O5' NOS H . -15.63 -5.00 18.26
C4' NOS H . -15.85 -7.46 18.55
O4' NOS H . -14.84 -7.24 19.56
C1' NOS H . -15.21 -7.74 20.85
C2' NOS H . -16.57 -8.40 20.67
O2' NOS H . -16.60 -9.74 21.25
C3' NOS H . -16.96 -8.30 19.20
O3' NOS H . -17.03 -9.58 18.56
CA CA I . 23.58 15.70 -6.32
N9 NOS J . 25.58 11.83 -2.59
C4 NOS J . 25.36 11.62 -1.30
N3 NOS J . 24.33 11.91 -0.47
C2 NOS J . 24.40 11.56 0.84
N1 NOS J . 25.46 10.92 1.41
C6 NOS J . 26.54 10.58 0.68
O6 NOS J . 27.49 9.98 1.23
C5 NOS J . 26.55 10.91 -0.78
N7 NOS J . 27.40 10.76 -1.81
C8 NOS J . 26.80 11.31 -2.90
C5' NOS J . 23.47 9.87 -5.49
O5' NOS J . 23.59 9.12 -4.27
C4' NOS J . 23.43 11.36 -5.21
O4' NOS J . 23.52 11.68 -3.80
C1' NOS J . 24.64 12.51 -3.50
C2' NOS J . 25.34 12.83 -4.81
O2' NOS J . 25.36 14.24 -5.03
C3' NOS J . 24.57 12.07 -5.91
O3' NOS J . 24.09 12.92 -6.97
CA CA K . -15.56 22.75 -6.65
N9 NOS L . -18.50 18.18 -7.27
C4 NOS L . -18.40 16.94 -7.69
N3 NOS L . -17.38 16.14 -8.11
C2 NOS L . -17.61 14.87 -8.50
N1 NOS L . -18.85 14.33 -8.52
C6 NOS L . -19.95 15.03 -8.14
O6 NOS L . -21.09 14.54 -8.16
C5 NOS L . -19.78 16.43 -7.67
N7 NOS L . -20.59 17.40 -7.22
C8 NOS L . -19.79 18.46 -6.97
C5' NOS L . -17.81 17.78 -4.14
O5' NOS L . -17.24 16.60 -3.54
C4' NOS L . -16.76 18.70 -4.79
O4' NOS L . -16.47 18.36 -6.16
C1' NOS L . -17.35 19.06 -7.07
C2' NOS L . -17.87 20.25 -6.27
O2' NOS L . -17.48 21.47 -6.88
C3' NOS L . -17.30 20.12 -4.88
O3' NOS L . -16.27 21.09 -4.67
C TAM M . -1.76 27.88 -18.21
C1 TAM M . -3.07 28.55 -18.68
C2 TAM M . -1.43 26.60 -19.00
C3 TAM M . -1.89 27.63 -16.70
C4 TAM M . -3.05 30.08 -18.58
C5 TAM M . -2.16 25.34 -18.56
C6 TAM M . -0.53 27.47 -16.03
N TAM M . -0.65 28.79 -18.57
O4 TAM M . -4.28 30.55 -19.10
O5 TAM M . -1.21 24.27 -18.49
O6 TAM M . -0.19 26.09 -15.94
#